data_4EKE
#
_entry.id   4EKE
#
_cell.length_a   128.474
_cell.length_b   128.474
_cell.length_c   116.382
_cell.angle_alpha   90.00
_cell.angle_beta   90.00
_cell.angle_gamma   90.00
#
_symmetry.space_group_name_H-M   'P 43 21 2'
#
loop_
_entity.id
_entity.type
_entity.pdbx_description
1 polymer 'Glycogen phosphorylase, muscle form'
2 non-polymer 3-(beta-D-glucopyranosyl)-6-pentylfuro[2,3-d]pyrimidin-2(3H)-one
3 water water
#
_entity_poly.entity_id   1
_entity_poly.type   'polypeptide(L)'
_entity_poly.pdbx_seq_one_letter_code
;QISVRGLAGVENVTELKKNFNRHLHFTLVKDRNVATPRDYYFALAHTVRDHLVGRWIRTQQHYYEKDPKRIYYLSLEFYM
GRTLQNTMVNLALENACDEATYQLGLDMEELEEIEEDAGLGNGGLGRLAACFLDSMATLGLAAYGYGIRYEFGIFNQKIC
GGWQMEEADDWLRYGNPWEKARPEFTLPVHFYGRVEHTSQGAKWVDTQVVLAMPYDTPVPGYRNNVVNTMRLWSAKAPND
FNLKDFNVGGYIQAVLDRNLAENISRVLYPNDNFFEGKELRLKQEYFVVAATLQDIIRRFKSSKFGCRDPVRTNFDAFPD
KVAIQLNDTHPSLAIPELMRVLVDLERLDWDKAWEVTVKTCAYTNHTVLPEALERWPVHLLETLLPRHLQIIYEINQRFL
NRVAAAFPGDVDRLRRMSLVEEGAVKRINMAHLCIAGSHAVNGVARIHSEILKKTIFKDFYELEPHKFQNKTNGITPRRW
LVLCNPGLAEIIAERIGEEYISDLDQLRKLLSYVDDEAFIRDVAKVKQENKLKFAAYLEREYKVHINPNSLFDVQVKRIH
EYKRQLLNCLHVITLYNRIKKEPNKFVVPRTVMIGGKAAPGYHMAKMIIKLITAIGDVVNHDPVVGDRLRVIFLENYRVS
LAEKVIPAADLSEQISTAGTEASGTGNM(LLP)FMLNGALTIGTMDGANVEMAEEAGEENFFIFGMRVEDVDRLDQRGYN
AQEYYDRIPELRQIIEQLSSGFFSPKQPDLFKDIVNMLMHHDRFKVFADYEEYVKCQERVSALYKNPREWTRMVIRNIAT
SGKFSSDRTIAQYAREIWGVEPSRQRLPA
;
_entity_poly.pdbx_strand_id   A
#
loop_
_chem_comp.id
_chem_comp.type
_chem_comp.name
_chem_comp.formula
D1I non-polymer 3-(beta-D-glucopyranosyl)-6-pentylfuro[2,3-d]pyrimidin-2(3H)-one 'C17 H24 N2 O7'
#
# COMPACT_ATOMS: atom_id res chain seq x y z
N GLN A 1 -10.98 -26.08 -15.10
CA GLN A 1 -11.83 -26.49 -13.92
C GLN A 1 -13.03 -25.54 -13.62
N ILE A 2 -12.75 -24.26 -13.31
CA ILE A 2 -13.79 -23.19 -13.09
C ILE A 2 -13.72 -22.09 -14.17
N SER A 3 -14.85 -21.47 -14.50
CA SER A 3 -14.95 -20.76 -15.81
C SER A 3 -14.34 -19.35 -15.90
N VAL A 4 -14.16 -18.67 -14.76
CA VAL A 4 -13.56 -17.32 -14.76
C VAL A 4 -12.07 -17.42 -15.09
N ARG A 5 -11.53 -18.63 -14.93
CA ARG A 5 -10.14 -18.93 -15.18
C ARG A 5 -9.74 -19.16 -16.67
N GLY A 6 -10.68 -18.91 -17.60
CA GLY A 6 -10.44 -19.00 -19.06
C GLY A 6 -10.54 -20.37 -19.75
N LEU A 7 -10.32 -20.38 -21.07
CA LEU A 7 -10.31 -21.65 -21.85
C LEU A 7 -9.02 -22.49 -21.73
N ALA A 8 -9.19 -23.79 -21.54
CA ALA A 8 -8.12 -24.73 -21.78
C ALA A 8 -8.16 -25.28 -23.25
N GLY A 9 -7.82 -24.44 -24.24
CA GLY A 9 -7.60 -24.90 -25.66
C GLY A 9 -6.74 -26.16 -25.81
N VAL A 10 -6.89 -26.88 -26.92
CA VAL A 10 -6.16 -28.16 -27.10
C VAL A 10 -4.77 -27.84 -27.67
N GLU A 11 -4.77 -26.87 -28.57
CA GLU A 11 -3.57 -26.16 -29.01
C GLU A 11 -2.86 -25.37 -27.89
N ASN A 12 -3.59 -24.56 -27.15
CA ASN A 12 -2.95 -23.86 -26.06
C ASN A 12 -2.27 -24.75 -25.08
N VAL A 13 -2.96 -25.79 -24.61
CA VAL A 13 -2.36 -26.71 -23.63
C VAL A 13 -1.09 -27.36 -24.19
N THR A 14 -1.13 -27.68 -25.48
CA THR A 14 0.00 -28.32 -26.18
C THR A 14 1.21 -27.38 -26.36
N GLU A 15 1.00 -26.19 -26.89
CA GLU A 15 2.09 -25.21 -26.90
C GLU A 15 2.69 -24.92 -25.51
N LEU A 16 1.86 -24.78 -24.47
CA LEU A 16 2.36 -24.46 -23.14
C LEU A 16 3.34 -25.52 -22.71
N LYS A 17 2.95 -26.78 -22.94
CA LYS A 17 3.77 -27.92 -22.58
C LYS A 17 5.12 -27.93 -23.27
N LYS A 18 5.18 -27.70 -24.57
CA LYS A 18 6.50 -27.72 -25.20
C LYS A 18 7.41 -26.57 -24.83
N ASN A 19 6.79 -25.43 -24.53
CA ASN A 19 7.51 -24.26 -24.12
C ASN A 19 8.02 -24.40 -22.70
N PHE A 20 7.29 -25.16 -21.90
CA PHE A 20 7.71 -25.40 -20.54
C PHE A 20 8.93 -26.30 -20.58
N ASN A 21 8.91 -27.33 -21.41
CA ASN A 21 10.05 -28.21 -21.57
C ASN A 21 11.23 -27.57 -22.27
N ARG A 22 10.99 -26.67 -23.20
CA ARG A 22 12.08 -25.90 -23.77
C ARG A 22 12.84 -25.07 -22.68
N HIS A 23 12.11 -24.34 -21.84
CA HIS A 23 12.75 -23.53 -20.83
C HIS A 23 13.49 -24.36 -19.79
N LEU A 24 12.89 -25.49 -19.42
CA LEU A 24 13.50 -26.40 -18.46
C LEU A 24 14.90 -26.81 -18.96
N HIS A 25 15.00 -27.06 -20.27
CA HIS A 25 16.16 -27.62 -20.90
C HIS A 25 17.12 -26.46 -21.26
N PHE A 26 16.67 -25.56 -22.13
CA PHE A 26 17.53 -24.48 -22.57
C PHE A 26 17.78 -23.33 -21.58
N THR A 27 16.77 -22.88 -20.86
CA THR A 27 16.95 -21.72 -20.00
C THR A 27 17.48 -22.14 -18.65
N LEU A 28 16.96 -23.23 -18.12
CA LEU A 28 17.31 -23.63 -16.79
C LEU A 28 18.45 -24.63 -16.77
N VAL A 29 18.67 -25.32 -17.91
CA VAL A 29 19.72 -26.31 -18.05
C VAL A 29 19.54 -27.42 -17.02
N LYS A 30 18.33 -27.96 -16.97
CA LYS A 30 18.06 -29.10 -16.12
C LYS A 30 17.43 -30.17 -16.99
N ASP A 31 17.26 -31.36 -16.43
CA ASP A 31 16.38 -32.35 -17.04
C ASP A 31 15.50 -32.87 -15.94
N ARG A 32 14.50 -33.66 -16.31
CA ARG A 32 13.39 -33.97 -15.43
C ARG A 32 13.80 -34.85 -14.27
N ASN A 33 15.04 -35.31 -14.25
CA ASN A 33 15.52 -36.12 -13.12
C ASN A 33 16.23 -35.32 -12.06
N VAL A 34 16.71 -34.14 -12.42
CA VAL A 34 17.31 -33.28 -11.41
C VAL A 34 16.45 -32.08 -10.96
N ALA A 35 15.50 -31.66 -11.79
CA ALA A 35 14.69 -30.47 -11.52
C ALA A 35 14.03 -30.52 -10.15
N THR A 36 14.08 -29.40 -9.41
CA THR A 36 13.28 -29.24 -8.19
C THR A 36 12.09 -28.39 -8.49
N PRO A 37 11.12 -28.32 -7.55
CA PRO A 37 9.98 -27.44 -7.78
C PRO A 37 10.43 -26.02 -8.12
N ARG A 38 11.57 -25.60 -7.59
CA ARG A 38 12.01 -24.25 -7.91
C ARG A 38 12.22 -24.12 -9.42
N ASP A 39 13.00 -25.03 -10.00
CA ASP A 39 13.13 -25.16 -11.46
C ASP A 39 11.77 -25.22 -12.19
N TYR A 40 10.86 -26.05 -11.68
CA TYR A 40 9.51 -26.08 -12.22
C TYR A 40 8.76 -24.75 -12.15
N TYR A 41 8.81 -24.07 -11.00
CA TYR A 41 8.30 -22.71 -10.94
C TYR A 41 8.91 -21.83 -12.06
N PHE A 42 10.23 -21.92 -12.23
CA PHE A 42 10.88 -21.03 -13.20
C PHE A 42 10.50 -21.28 -14.66
N ALA A 43 10.46 -22.56 -15.04
CA ALA A 43 10.11 -22.89 -16.42
C ALA A 43 8.67 -22.40 -16.71
N LEU A 44 7.77 -22.57 -15.74
CA LEU A 44 6.44 -22.03 -15.90
C LEU A 44 6.47 -20.50 -15.97
N ALA A 45 7.24 -19.85 -15.10
CA ALA A 45 7.27 -18.38 -15.10
C ALA A 45 7.83 -17.87 -16.43
N HIS A 46 8.88 -18.50 -16.91
CA HIS A 46 9.43 -18.15 -18.22
C HIS A 46 8.44 -18.38 -19.38
N THR A 47 7.57 -19.35 -19.21
CA THR A 47 6.65 -19.72 -20.26
C THR A 47 5.56 -18.70 -20.31
N VAL A 48 5.01 -18.34 -19.15
CA VAL A 48 4.04 -17.26 -19.13
C VAL A 48 4.60 -15.90 -19.59
N ARG A 49 5.83 -15.56 -19.21
CA ARG A 49 6.45 -14.29 -19.59
C ARG A 49 6.64 -14.20 -21.10
N ASP A 50 6.85 -15.35 -21.71
CA ASP A 50 6.86 -15.42 -23.16
C ASP A 50 5.60 -14.78 -23.79
N HIS A 51 4.42 -15.14 -23.30
CA HIS A 51 3.16 -14.55 -23.78
C HIS A 51 3.01 -13.03 -23.58
N LEU A 52 3.72 -12.46 -22.61
CA LEU A 52 3.69 -11.03 -22.41
C LEU A 52 4.39 -10.23 -23.50
N VAL A 53 5.50 -10.76 -24.02
CA VAL A 53 6.47 -9.85 -24.63
C VAL A 53 5.95 -9.23 -25.91
N GLY A 54 5.31 -10.04 -26.73
CA GLY A 54 4.81 -9.60 -28.00
C GLY A 54 3.91 -8.44 -27.72
N ARG A 55 3.00 -8.61 -26.75
CA ARG A 55 2.13 -7.51 -26.29
C ARG A 55 2.86 -6.29 -25.71
N TRP A 56 3.82 -6.52 -24.82
CA TRP A 56 4.67 -5.47 -24.31
C TRP A 56 5.25 -4.62 -25.45
N ILE A 57 5.94 -5.24 -26.40
CA ILE A 57 6.52 -4.55 -27.56
C ILE A 57 5.49 -3.82 -28.43
N ARG A 58 4.37 -4.48 -28.72
CA ARG A 58 3.29 -3.87 -29.48
C ARG A 58 2.68 -2.64 -28.78
N THR A 59 2.48 -2.73 -27.46
CA THR A 59 1.96 -1.62 -26.66
C THR A 59 2.90 -0.41 -26.65
N GLN A 60 4.21 -0.63 -26.46
CA GLN A 60 5.16 0.50 -26.55
C GLN A 60 5.15 1.15 -27.92
N GLN A 61 5.03 0.32 -28.96
CA GLN A 61 4.92 0.77 -30.35
C GLN A 61 3.68 1.66 -30.58
N HIS A 62 2.52 1.19 -30.13
CA HIS A 62 1.30 1.97 -30.22
C HIS A 62 1.53 3.37 -29.67
N TYR A 63 2.08 3.48 -28.47
CA TYR A 63 2.23 4.79 -27.87
C TYR A 63 3.12 5.71 -28.68
N TYR A 64 4.07 5.13 -29.41
CA TYR A 64 4.98 5.89 -30.24
C TYR A 64 4.25 6.58 -31.39
N GLU A 65 3.48 5.82 -32.15
CA GLU A 65 2.68 6.41 -33.23
C GLU A 65 1.48 7.23 -32.76
N LYS A 66 0.70 6.72 -31.82
CA LYS A 66 -0.42 7.52 -31.30
C LYS A 66 0.06 8.80 -30.57
N ASP A 67 1.26 8.74 -29.98
CA ASP A 67 1.76 9.83 -29.12
C ASP A 67 0.73 10.45 -28.12
N PRO A 68 0.07 9.62 -27.28
CA PRO A 68 -0.91 10.20 -26.35
C PRO A 68 -0.21 10.94 -25.18
N LYS A 69 -0.94 11.71 -24.42
CA LYS A 69 -0.38 12.23 -23.17
C LYS A 69 0.05 11.05 -22.25
N ARG A 70 1.22 11.15 -21.60
CA ARG A 70 1.75 10.04 -20.78
C ARG A 70 1.66 10.37 -19.29
N ILE A 71 1.34 9.36 -18.49
CA ILE A 71 1.24 9.52 -17.05
C ILE A 71 2.43 8.85 -16.39
N TYR A 72 3.11 9.63 -15.54
CA TYR A 72 4.18 9.12 -14.77
C TYR A 72 3.78 9.09 -13.30
N TYR A 73 3.73 7.87 -12.74
CA TYR A 73 3.41 7.66 -11.38
C TYR A 73 4.72 7.51 -10.61
N LEU A 74 5.13 8.58 -9.91
CA LEU A 74 6.37 8.54 -9.08
C LEU A 74 6.18 8.07 -7.60
N SER A 75 6.87 7.02 -7.17
CA SER A 75 6.62 6.51 -5.81
C SER A 75 7.88 5.84 -5.28
N LEU A 76 8.14 5.88 -3.98
CA LEU A 76 9.36 5.27 -3.52
C LEU A 76 9.01 3.84 -3.18
N GLU A 77 7.71 3.56 -3.25
CA GLU A 77 7.17 2.23 -2.90
C GLU A 77 6.26 1.59 -3.99
N PHE A 78 6.52 0.32 -4.32
CA PHE A 78 5.61 -0.45 -5.18
C PHE A 78 5.41 -1.79 -4.53
N TYR A 79 4.27 -1.97 -3.86
CA TYR A 79 4.11 -3.22 -3.15
C TYR A 79 3.40 -4.28 -4.05
N MET A 80 4.18 -5.00 -4.85
CA MET A 80 3.67 -5.79 -5.97
C MET A 80 3.20 -7.18 -5.57
N GLY A 81 3.95 -7.84 -4.70
CA GLY A 81 3.63 -9.19 -4.31
C GLY A 81 3.99 -10.11 -5.48
N ARG A 82 3.37 -11.28 -5.57
CA ARG A 82 3.69 -12.20 -6.67
C ARG A 82 3.10 -11.76 -7.98
N THR A 83 3.79 -12.14 -9.05
CA THR A 83 3.49 -11.74 -10.44
C THR A 83 2.83 -12.85 -11.31
N LEU A 84 3.16 -14.11 -11.07
CA LEU A 84 2.76 -15.21 -11.96
C LEU A 84 1.25 -15.41 -12.19
N GLN A 85 0.52 -15.72 -11.11
CA GLN A 85 -0.93 -15.80 -11.18
C GLN A 85 -1.56 -14.53 -11.75
N ASN A 86 -1.17 -13.37 -11.23
CA ASN A 86 -1.72 -12.16 -11.76
C ASN A 86 -1.52 -12.08 -13.26
N THR A 87 -0.33 -12.44 -13.72
CA THR A 87 -0.10 -12.45 -15.15
C THR A 87 -1.05 -13.46 -15.86
N MET A 88 -1.13 -14.69 -15.35
CA MET A 88 -2.02 -15.66 -15.98
C MET A 88 -3.47 -15.14 -16.05
N VAL A 89 -3.98 -14.64 -14.93
CA VAL A 89 -5.30 -14.09 -14.86
C VAL A 89 -5.53 -13.01 -15.90
N ASN A 90 -4.61 -12.07 -16.06
CA ASN A 90 -4.87 -10.93 -16.95
C ASN A 90 -4.77 -11.33 -18.40
N LEU A 91 -4.18 -12.48 -18.61
CA LEU A 91 -3.96 -13.02 -19.96
C LEU A 91 -4.90 -14.19 -20.24
N ALA A 92 -5.69 -14.57 -19.26
CA ALA A 92 -6.69 -15.59 -19.50
C ALA A 92 -6.07 -16.98 -19.75
N LEU A 93 -4.91 -17.23 -19.11
CA LEU A 93 -4.12 -18.43 -19.29
C LEU A 93 -4.25 -19.36 -18.10
N GLU A 94 -5.06 -18.95 -17.13
CA GLU A 94 -5.00 -19.67 -15.87
C GLU A 94 -5.35 -21.14 -16.03
N ASN A 95 -6.45 -21.41 -16.73
CA ASN A 95 -6.94 -22.79 -16.89
C ASN A 95 -6.03 -23.62 -17.79
N ALA A 96 -5.62 -23.03 -18.91
CA ALA A 96 -4.64 -23.64 -19.78
C ALA A 96 -3.35 -24.09 -19.02
N CYS A 97 -2.69 -23.18 -18.29
CA CYS A 97 -1.51 -23.55 -17.53
C CYS A 97 -1.78 -24.61 -16.49
N ASP A 98 -2.95 -24.61 -15.88
CA ASP A 98 -3.38 -25.62 -14.91
C ASP A 98 -3.43 -27.00 -15.57
N GLU A 99 -4.08 -27.04 -16.74
CA GLU A 99 -4.14 -28.23 -17.58
C GLU A 99 -2.74 -28.61 -18.01
N ALA A 100 -2.07 -27.72 -18.72
CA ALA A 100 -0.71 -27.96 -19.18
C ALA A 100 0.21 -28.52 -18.10
N THR A 101 0.13 -28.00 -16.88
CA THR A 101 1.03 -28.46 -15.81
C THR A 101 0.57 -29.78 -15.15
N TYR A 102 -0.75 -29.94 -15.11
CA TYR A 102 -1.36 -31.22 -14.69
C TYR A 102 -0.84 -32.41 -15.55
N GLN A 103 -0.79 -32.24 -16.87
CA GLN A 103 -0.41 -33.32 -17.77
C GLN A 103 1.09 -33.61 -17.72
N LEU A 104 1.84 -32.67 -17.13
CA LEU A 104 3.27 -32.88 -16.85
C LEU A 104 3.39 -33.47 -15.46
N GLY A 105 2.28 -33.55 -14.74
CA GLY A 105 2.27 -34.26 -13.46
C GLY A 105 2.73 -33.37 -12.31
N LEU A 106 2.50 -32.08 -12.49
CA LEU A 106 2.83 -31.06 -11.52
C LEU A 106 1.55 -30.42 -11.03
N ASP A 107 1.60 -29.90 -9.80
CA ASP A 107 0.50 -29.10 -9.25
C ASP A 107 0.86 -27.60 -9.30
N MET A 108 0.25 -26.87 -10.24
CA MET A 108 0.50 -25.47 -10.39
C MET A 108 0.37 -24.66 -9.08
N GLU A 109 -0.62 -24.99 -8.25
CA GLU A 109 -0.78 -24.24 -7.00
C GLU A 109 0.44 -24.35 -6.11
N GLU A 110 1.13 -25.46 -6.20
CA GLU A 110 2.26 -25.73 -5.33
C GLU A 110 3.48 -24.99 -5.86
N LEU A 111 3.48 -24.78 -7.17
CA LEU A 111 4.51 -24.01 -7.89
C LEU A 111 4.40 -22.47 -7.63
N GLU A 112 3.16 -21.98 -7.47
CA GLU A 112 2.89 -20.57 -7.24
C GLU A 112 3.48 -20.16 -5.90
N GLU A 113 3.30 -21.01 -4.89
CA GLU A 113 3.86 -20.82 -3.54
C GLU A 113 5.36 -20.67 -3.50
N ILE A 114 6.07 -21.00 -4.59
CA ILE A 114 7.54 -20.82 -4.61
C ILE A 114 8.02 -19.43 -4.94
N GLU A 115 7.19 -18.64 -5.60
CA GLU A 115 7.55 -17.28 -6.01
C GLU A 115 7.71 -16.35 -4.80
N GLU A 116 8.84 -15.66 -4.67
CA GLU A 116 8.99 -14.57 -3.64
C GLU A 116 8.04 -13.41 -3.95
N ASP A 117 7.38 -12.85 -2.94
CA ASP A 117 6.81 -11.48 -3.05
C ASP A 117 7.85 -10.44 -3.46
N ALA A 118 7.53 -9.60 -4.43
CA ALA A 118 8.26 -8.34 -4.57
C ALA A 118 7.72 -7.39 -3.47
N GLY A 119 8.38 -7.37 -2.32
CA GLY A 119 7.97 -6.55 -1.17
C GLY A 119 8.59 -5.17 -1.19
N LEU A 120 8.43 -4.44 -2.29
CA LEU A 120 9.09 -3.16 -2.41
C LEU A 120 8.23 -2.05 -1.86
N GLY A 121 7.56 -2.31 -0.74
CA GLY A 121 6.73 -1.30 -0.10
C GLY A 121 6.42 -1.71 1.33
N ASN A 122 5.88 -0.79 2.15
CA ASN A 122 5.61 -1.04 3.56
C ASN A 122 4.19 -1.45 3.84
N GLY A 123 3.23 -0.86 3.15
CA GLY A 123 1.83 -1.09 3.46
C GLY A 123 0.93 -0.40 2.46
N GLY A 124 0.01 0.43 2.94
CA GLY A 124 -1.11 0.89 2.11
C GLY A 124 -0.67 1.76 0.94
N LEU A 125 0.27 2.63 1.22
CA LEU A 125 0.77 3.55 0.21
C LEU A 125 1.52 2.75 -0.89
N GLY A 126 2.33 1.77 -0.51
CA GLY A 126 3.00 0.95 -1.52
C GLY A 126 2.02 0.15 -2.36
N ARG A 127 0.99 -0.36 -1.71
CA ARG A 127 0.11 -1.28 -2.34
C ARG A 127 -0.90 -0.54 -3.23
N LEU A 128 -1.22 0.70 -2.85
CA LEU A 128 -2.04 1.55 -3.67
C LEU A 128 -1.38 1.71 -5.03
N ALA A 129 -0.09 2.03 -5.01
CA ALA A 129 0.68 2.23 -6.20
C ALA A 129 0.55 1.00 -7.11
N ALA A 130 0.64 -0.21 -6.52
CA ALA A 130 0.47 -1.46 -7.27
C ALA A 130 -0.94 -1.68 -7.87
N CYS A 131 -1.99 -1.52 -7.06
CA CYS A 131 -3.35 -1.50 -7.58
C CYS A 131 -3.50 -0.49 -8.70
N PHE A 132 -3.04 0.74 -8.47
CA PHE A 132 -3.11 1.77 -9.49
C PHE A 132 -2.46 1.32 -10.78
N LEU A 133 -1.29 0.68 -10.71
CA LEU A 133 -0.63 0.24 -11.95
C LEU A 133 -1.52 -0.73 -12.74
N ASP A 134 -2.10 -1.72 -12.07
CA ASP A 134 -2.99 -2.68 -12.70
C ASP A 134 -4.20 -1.96 -13.33
N SER A 135 -4.82 -1.06 -12.56
CA SER A 135 -5.97 -0.33 -13.09
C SER A 135 -5.62 0.57 -14.28
N MET A 136 -4.43 1.13 -14.28
CA MET A 136 -4.02 2.00 -15.37
C MET A 136 -3.85 1.24 -16.71
N ALA A 137 -3.37 0.03 -16.62
CA ALA A 137 -3.10 -0.81 -17.76
C ALA A 137 -4.47 -1.24 -18.28
N THR A 138 -5.33 -1.57 -17.34
CA THR A 138 -6.63 -2.11 -17.66
C THR A 138 -7.47 -1.04 -18.35
N LEU A 139 -7.20 0.25 -18.10
CA LEU A 139 -8.02 1.31 -18.67
C LEU A 139 -7.26 1.97 -19.79
N GLY A 140 -6.20 1.32 -20.26
CA GLY A 140 -5.54 1.74 -21.50
C GLY A 140 -4.85 3.07 -21.43
N LEU A 141 -4.45 3.52 -20.25
CA LEU A 141 -3.70 4.74 -20.12
C LEU A 141 -2.21 4.50 -20.47
N ALA A 142 -1.56 5.49 -21.08
CA ALA A 142 -0.16 5.35 -21.44
C ALA A 142 0.64 5.79 -20.21
N ALA A 143 0.84 4.86 -19.30
CA ALA A 143 1.25 5.20 -17.96
C ALA A 143 2.46 4.38 -17.59
N TYR A 144 3.34 4.99 -16.83
CA TYR A 144 4.62 4.43 -16.42
C TYR A 144 4.75 4.50 -14.90
N GLY A 145 5.07 3.39 -14.26
CA GLY A 145 5.44 3.38 -12.86
C GLY A 145 6.93 3.63 -12.75
N TYR A 146 7.33 4.57 -11.91
CA TYR A 146 8.75 4.79 -11.69
C TYR A 146 9.12 4.74 -10.23
N GLY A 147 10.14 3.95 -9.92
CA GLY A 147 10.62 3.79 -8.56
C GLY A 147 12.05 3.32 -8.50
N ILE A 148 12.41 2.70 -7.38
CA ILE A 148 13.78 2.27 -7.11
C ILE A 148 13.75 0.78 -7.03
N ARG A 149 14.74 0.09 -7.59
CA ARG A 149 14.79 -1.40 -7.49
C ARG A 149 15.56 -1.75 -6.21
N TYR A 150 14.89 -1.81 -5.06
CA TYR A 150 15.67 -2.09 -3.85
C TYR A 150 16.16 -3.52 -3.92
N GLU A 151 17.41 -3.69 -3.53
CA GLU A 151 17.97 -5.01 -3.42
C GLU A 151 17.28 -5.76 -2.29
N PHE A 152 16.95 -5.07 -1.19
CA PHE A 152 16.19 -5.69 -0.10
C PHE A 152 14.92 -4.91 0.21
N GLY A 153 13.79 -5.58 0.16
CA GLY A 153 12.49 -4.94 0.35
C GLY A 153 12.15 -4.97 1.82
N ILE A 154 10.86 -5.00 2.13
CA ILE A 154 10.46 -5.02 3.53
C ILE A 154 11.04 -6.29 4.20
N PHE A 155 11.64 -6.16 5.38
CA PHE A 155 12.18 -7.29 6.10
C PHE A 155 11.17 -8.45 6.34
N ASN A 156 11.67 -9.68 6.37
CA ASN A 156 10.86 -10.74 6.85
C ASN A 156 10.80 -10.72 8.36
N GLN A 157 9.59 -10.82 8.91
CA GLN A 157 9.34 -10.81 10.36
C GLN A 157 9.35 -12.26 10.93
N LYS A 158 10.19 -12.49 11.94
CA LYS A 158 10.14 -13.72 12.71
C LYS A 158 9.74 -13.37 14.12
N ILE A 159 8.86 -14.18 14.71
CA ILE A 159 8.62 -14.11 16.16
C ILE A 159 9.58 -15.06 16.91
N CYS A 160 10.33 -14.52 17.88
CA CYS A 160 11.21 -15.32 18.74
C CYS A 160 10.84 -14.91 20.14
N GLY A 161 10.29 -15.88 20.88
CA GLY A 161 9.79 -15.70 22.24
C GLY A 161 8.80 -14.57 22.31
N GLY A 162 7.91 -14.53 21.31
CA GLY A 162 6.98 -13.41 21.20
C GLY A 162 7.49 -12.04 20.70
N TRP A 163 8.81 -11.89 20.50
CA TRP A 163 9.40 -10.64 19.96
C TRP A 163 9.64 -10.71 18.45
N GLN A 164 9.38 -9.62 17.74
CA GLN A 164 9.69 -9.49 16.32
C GLN A 164 11.21 -9.53 16.09
N MET A 165 11.70 -10.42 15.25
CA MET A 165 13.07 -10.30 14.76
C MET A 165 13.00 -9.89 13.27
N GLU A 166 13.88 -9.00 12.83
CA GLU A 166 13.93 -8.62 11.43
C GLU A 166 15.02 -9.43 10.74
N GLU A 167 14.69 -10.00 9.59
CA GLU A 167 15.74 -10.44 8.72
C GLU A 167 15.54 -10.05 7.29
N ALA A 168 16.64 -9.92 6.59
CA ALA A 168 16.71 -9.33 5.28
C ALA A 168 15.90 -10.11 4.25
N ASP A 169 15.20 -9.37 3.39
CA ASP A 169 14.36 -9.97 2.36
C ASP A 169 15.23 -10.11 1.14
N ASP A 170 15.87 -11.24 0.97
CA ASP A 170 16.77 -11.37 -0.17
C ASP A 170 16.01 -11.85 -1.40
N TRP A 171 15.15 -10.97 -1.93
CA TRP A 171 14.11 -11.42 -2.86
C TRP A 171 14.63 -11.80 -4.25
N LEU A 172 15.74 -11.18 -4.65
CA LEU A 172 16.50 -11.51 -5.88
C LEU A 172 17.53 -12.68 -5.81
N ARG A 173 17.68 -13.31 -4.65
CA ARG A 173 18.61 -14.43 -4.52
C ARG A 173 18.62 -15.43 -5.69
N TYR A 174 17.45 -15.96 -6.03
CA TYR A 174 17.25 -16.99 -7.07
C TYR A 174 16.98 -16.39 -8.45
N GLY A 175 17.08 -15.07 -8.58
CA GLY A 175 16.72 -14.39 -9.82
C GLY A 175 15.27 -13.91 -9.84
N ASN A 176 14.98 -13.02 -10.78
CA ASN A 176 13.66 -12.46 -11.00
C ASN A 176 13.38 -12.48 -12.50
N PRO A 177 12.54 -13.42 -12.96
CA PRO A 177 12.22 -13.58 -14.36
C PRO A 177 11.40 -12.45 -14.91
N TRP A 178 10.80 -11.62 -14.07
CA TRP A 178 9.86 -10.65 -14.64
C TRP A 178 10.51 -9.42 -15.16
N GLU A 179 11.75 -9.18 -14.78
CA GLU A 179 12.35 -7.89 -15.10
C GLU A 179 13.26 -8.00 -16.29
N LYS A 180 13.48 -6.88 -17.00
CA LYS A 180 14.47 -6.83 -18.06
C LYS A 180 15.41 -5.65 -17.82
N ALA A 181 16.67 -5.95 -17.46
CA ALA A 181 17.71 -4.95 -17.25
C ALA A 181 17.86 -4.16 -18.53
N ARG A 182 18.02 -2.85 -18.41
CA ARG A 182 18.26 -2.07 -19.62
C ARG A 182 19.50 -1.19 -19.46
N PRO A 183 20.70 -1.82 -19.38
CA PRO A 183 21.90 -1.02 -19.06
C PRO A 183 22.18 0.05 -20.11
N GLU A 184 21.55 -0.09 -21.26
CA GLU A 184 21.72 0.86 -22.34
C GLU A 184 21.00 2.18 -22.11
N PHE A 185 20.12 2.27 -21.11
CA PHE A 185 19.47 3.57 -20.84
C PHE A 185 19.90 4.20 -19.53
N THR A 186 21.16 3.98 -19.17
CA THR A 186 21.71 4.40 -17.92
C THR A 186 21.99 5.88 -17.98
N LEU A 187 21.79 6.53 -16.84
CA LEU A 187 21.68 7.96 -16.76
C LEU A 187 22.50 8.41 -15.56
N PRO A 188 23.18 9.58 -15.68
CA PRO A 188 23.93 10.10 -14.53
C PRO A 188 23.03 10.82 -13.53
N VAL A 189 23.28 10.64 -12.25
CA VAL A 189 22.62 11.47 -11.26
C VAL A 189 23.72 12.11 -10.51
N HIS A 190 23.54 13.39 -10.17
CA HIS A 190 24.55 14.22 -9.48
C HIS A 190 24.20 14.52 -8.03
N PHE A 191 25.24 14.57 -7.19
CA PHE A 191 25.13 14.99 -5.77
C PHE A 191 26.31 15.91 -5.34
N TYR A 192 26.13 16.61 -4.22
CA TYR A 192 27.12 17.51 -3.62
C TYR A 192 27.44 18.65 -4.59
N GLY A 193 28.72 18.91 -4.85
CA GLY A 193 29.08 20.03 -5.70
C GLY A 193 28.83 21.37 -5.03
N ARG A 194 28.75 22.41 -5.85
CA ARG A 194 28.52 23.78 -5.40
C ARG A 194 27.91 24.53 -6.58
N VAL A 195 27.49 25.78 -6.36
CA VAL A 195 26.85 26.52 -7.42
C VAL A 195 27.71 27.74 -7.78
N GLU A 196 28.09 27.79 -9.06
CA GLU A 196 28.78 28.94 -9.64
C GLU A 196 27.79 29.80 -10.43
N HIS A 197 27.96 31.13 -10.33
CA HIS A 197 27.18 32.05 -11.19
C HIS A 197 27.99 32.59 -12.38
N THR A 198 27.42 32.48 -13.57
CA THR A 198 28.04 33.05 -14.76
C THR A 198 27.22 34.25 -15.23
N SER A 199 27.82 35.00 -16.16
CA SER A 199 27.07 35.85 -17.10
C SER A 199 25.84 35.10 -17.64
N GLN A 200 26.09 33.84 -18.04
CA GLN A 200 25.10 32.89 -18.57
C GLN A 200 24.10 32.23 -17.56
N GLY A 201 24.18 32.56 -16.26
CA GLY A 201 23.29 31.97 -15.23
C GLY A 201 23.95 30.91 -14.37
N ALA A 202 23.22 30.31 -13.44
CA ALA A 202 23.78 29.31 -12.50
C ALA A 202 24.27 27.97 -13.09
N LYS A 203 25.30 27.41 -12.49
CA LYS A 203 25.88 26.18 -12.94
C LYS A 203 26.19 25.30 -11.75
N TRP A 204 25.79 24.04 -11.84
CA TRP A 204 26.02 23.11 -10.77
C TRP A 204 27.26 22.27 -11.13
N VAL A 205 28.29 22.25 -10.26
CA VAL A 205 29.64 21.74 -10.61
C VAL A 205 30.30 21.01 -9.44
N ASP A 206 31.43 20.32 -9.75
CA ASP A 206 32.16 19.42 -8.84
C ASP A 206 31.26 18.45 -8.10
N THR A 207 30.39 17.81 -8.87
CA THR A 207 29.44 16.89 -8.28
C THR A 207 30.05 15.47 -8.28
N GLN A 208 29.58 14.62 -7.37
CA GLN A 208 29.77 13.17 -7.49
C GLN A 208 28.66 12.62 -8.38
N VAL A 209 29.04 11.68 -9.23
CA VAL A 209 28.13 11.09 -10.19
C VAL A 209 27.79 9.69 -9.67
N VAL A 210 26.51 9.36 -9.66
CA VAL A 210 26.04 8.01 -9.41
C VAL A 210 25.22 7.63 -10.65
N LEU A 211 25.44 6.45 -11.22
CA LEU A 211 24.67 6.13 -12.40
C LEU A 211 23.39 5.44 -11.99
N ALA A 212 22.33 5.68 -12.73
CA ALA A 212 21.10 5.00 -12.49
C ALA A 212 20.78 4.11 -13.71
N MET A 213 20.66 2.81 -13.45
CA MET A 213 20.35 1.81 -14.47
C MET A 213 18.90 1.32 -14.32
N PRO A 214 18.08 1.35 -15.39
CA PRO A 214 16.69 0.96 -15.21
C PRO A 214 16.45 -0.52 -15.43
N TYR A 215 15.46 -1.05 -14.74
CA TYR A 215 14.94 -2.38 -14.96
C TYR A 215 13.48 -2.27 -15.33
N ASP A 216 13.06 -2.89 -16.42
CA ASP A 216 11.66 -2.79 -16.84
C ASP A 216 10.87 -4.04 -16.46
N THR A 217 9.71 -3.85 -15.83
CA THR A 217 8.85 -4.96 -15.50
C THR A 217 7.52 -4.71 -16.19
N PRO A 218 7.00 -5.74 -16.89
CA PRO A 218 5.69 -5.65 -17.59
C PRO A 218 4.50 -5.52 -16.64
N VAL A 219 3.56 -4.63 -16.94
CA VAL A 219 2.32 -4.50 -16.18
C VAL A 219 1.18 -4.76 -17.15
N PRO A 220 0.61 -5.99 -17.13
CA PRO A 220 -0.40 -6.32 -18.15
C PRO A 220 -1.82 -5.86 -17.76
N GLY A 221 -2.52 -5.18 -18.67
CA GLY A 221 -3.96 -4.85 -18.45
C GLY A 221 -4.83 -6.11 -18.37
N TYR A 222 -6.08 -5.98 -17.89
CA TYR A 222 -7.02 -7.10 -17.83
C TYR A 222 -7.66 -7.44 -19.20
N ARG A 223 -7.17 -8.52 -19.81
CA ARG A 223 -7.71 -9.04 -21.03
C ARG A 223 -7.92 -7.99 -22.11
N ASN A 224 -7.10 -6.94 -22.11
CA ASN A 224 -7.17 -5.96 -23.18
C ASN A 224 -5.92 -5.90 -24.04
N ASN A 225 -4.96 -6.78 -23.75
CA ASN A 225 -3.69 -6.81 -24.50
C ASN A 225 -2.82 -5.58 -24.32
N VAL A 226 -3.16 -4.73 -23.37
CA VAL A 226 -2.26 -3.62 -23.01
C VAL A 226 -1.23 -4.20 -22.00
N VAL A 227 0.03 -3.83 -22.21
CA VAL A 227 1.11 -4.13 -21.30
C VAL A 227 1.96 -2.85 -21.16
N ASN A 228 1.84 -2.21 -19.97
CA ASN A 228 2.56 -0.99 -19.59
C ASN A 228 3.83 -1.34 -18.83
N THR A 229 4.60 -0.32 -18.47
CA THR A 229 5.94 -0.56 -17.93
C THR A 229 6.09 0.00 -16.55
N MET A 230 6.69 -0.80 -15.67
CA MET A 230 7.17 -0.29 -14.39
C MET A 230 8.71 -0.21 -14.48
N ARG A 231 9.27 1.00 -14.47
CA ARG A 231 10.72 1.18 -14.54
C ARG A 231 11.32 1.45 -13.16
N LEU A 232 12.28 0.61 -12.76
CA LEU A 232 12.88 0.75 -11.43
C LEU A 232 14.38 0.96 -11.53
N TRP A 233 14.89 2.00 -10.87
CA TRP A 233 16.27 2.36 -11.00
C TRP A 233 17.20 1.67 -9.99
N SER A 234 18.40 1.36 -10.43
CA SER A 234 19.40 0.70 -9.62
C SER A 234 20.67 1.56 -9.62
N ALA A 235 21.34 1.67 -8.48
CA ALA A 235 22.53 2.47 -8.40
C ALA A 235 23.75 1.69 -8.86
N LYS A 236 24.53 2.29 -9.75
CA LYS A 236 25.86 1.77 -10.11
C LYS A 236 26.86 2.89 -10.01
N ALA A 237 28.07 2.58 -9.55
CA ALA A 237 29.12 3.58 -9.51
C ALA A 237 29.74 3.74 -10.87
N PRO A 238 30.28 4.94 -11.18
CA PRO A 238 31.00 5.04 -12.46
C PRO A 238 32.36 4.31 -12.47
N ASN A 239 32.93 4.11 -13.64
CA ASN A 239 34.20 3.35 -13.74
C ASN A 239 35.51 3.98 -13.29
N ASP A 240 35.59 5.30 -13.44
CA ASP A 240 36.75 6.08 -13.00
C ASP A 240 36.56 6.47 -11.53
N PHE A 241 35.51 5.92 -10.91
CA PHE A 241 35.05 6.28 -9.54
C PHE A 241 36.11 6.04 -8.50
N ASN A 242 36.47 7.11 -7.77
CA ASN A 242 37.61 7.14 -6.85
C ASN A 242 38.97 7.06 -7.59
N LEU A 243 38.92 6.67 -8.87
CA LEU A 243 40.07 6.23 -9.66
C LEU A 243 40.59 7.30 -10.63
N GLY A 250 44.87 1.29 -1.80
CA GLY A 250 44.86 2.20 -2.93
C GLY A 250 43.84 1.71 -3.97
N TYR A 251 44.31 0.94 -4.95
CA TYR A 251 43.44 0.39 -5.98
C TYR A 251 42.33 -0.52 -5.38
N ILE A 252 42.69 -1.47 -4.52
CA ILE A 252 41.69 -2.42 -3.98
C ILE A 252 40.57 -1.66 -3.29
N GLN A 253 40.97 -0.77 -2.39
CA GLN A 253 40.06 -0.01 -1.56
C GLN A 253 39.16 0.85 -2.46
N ALA A 254 39.71 1.42 -3.52
CA ALA A 254 38.94 2.21 -4.47
C ALA A 254 37.83 1.40 -5.12
N VAL A 255 38.09 0.11 -5.34
CA VAL A 255 37.14 -0.70 -6.02
C VAL A 255 36.07 -1.07 -5.02
N LEU A 256 36.46 -1.46 -3.82
CA LEU A 256 35.52 -1.78 -2.73
C LEU A 256 34.60 -0.60 -2.36
N ASP A 257 35.10 0.63 -2.49
CA ASP A 257 34.33 1.77 -2.07
C ASP A 257 33.29 2.10 -3.12
N ARG A 258 33.25 1.36 -4.21
CA ARG A 258 32.21 1.52 -5.20
C ARG A 258 30.85 1.28 -4.59
N ASN A 259 30.84 0.56 -3.49
CA ASN A 259 29.67 0.27 -2.73
C ASN A 259 29.04 1.46 -2.04
N LEU A 260 29.80 2.41 -1.54
CA LEU A 260 29.15 3.63 -1.08
C LEU A 260 28.13 4.18 -2.12
N ALA A 261 28.50 4.31 -3.39
CA ALA A 261 27.54 4.81 -4.38
C ALA A 261 26.33 3.88 -4.57
N GLU A 262 26.56 2.59 -4.48
CA GLU A 262 25.50 1.68 -4.82
C GLU A 262 24.55 1.43 -3.67
N ASN A 263 24.95 1.86 -2.48
CA ASN A 263 24.10 1.73 -1.32
C ASN A 263 22.81 2.46 -1.48
N ILE A 264 22.72 3.40 -2.43
CA ILE A 264 21.51 4.18 -2.64
C ILE A 264 20.27 3.30 -2.89
N SER A 265 20.41 2.28 -3.71
CA SER A 265 19.27 1.40 -3.99
C SER A 265 19.31 0.08 -3.17
N ARG A 266 20.03 0.00 -2.07
CA ARG A 266 20.22 -1.29 -1.43
C ARG A 266 19.00 -1.73 -0.64
N VAL A 267 18.39 -0.81 0.10
CA VAL A 267 17.35 -1.22 1.04
C VAL A 267 16.18 -0.22 1.18
N LEU A 268 14.97 -0.75 1.26
CA LEU A 268 13.78 0.08 1.47
C LEU A 268 13.72 0.54 2.94
N TYR A 269 13.57 1.85 3.20
CA TYR A 269 13.32 2.28 4.60
C TYR A 269 11.99 1.77 5.13
N PRO A 270 12.01 1.11 6.31
CA PRO A 270 10.82 0.47 6.79
C PRO A 270 9.95 1.23 7.82
N ASN A 271 10.11 2.54 8.06
CA ASN A 271 9.07 3.25 8.83
C ASN A 271 7.93 3.73 8.01
N ASP A 272 6.72 3.45 8.43
CA ASP A 272 5.61 4.22 7.96
C ASP A 272 4.99 5.02 9.11
N ASN A 273 5.62 4.93 10.27
CA ASN A 273 5.14 5.72 11.42
C ASN A 273 5.60 7.16 11.36
N PHE A 274 6.92 7.29 11.24
CA PHE A 274 7.65 8.44 11.67
C PHE A 274 8.30 9.13 10.45
N PHE A 275 9.03 10.21 10.68
CA PHE A 275 9.87 10.74 9.64
C PHE A 275 11.26 10.82 10.19
N GLU A 276 12.16 10.08 9.55
CA GLU A 276 13.54 10.17 9.95
C GLU A 276 14.29 10.98 8.93
N GLY A 277 14.91 12.06 9.38
CA GLY A 277 15.74 12.88 8.50
C GLY A 277 17.15 12.36 8.19
N LYS A 278 17.23 11.15 7.67
CA LYS A 278 18.45 10.47 7.30
C LYS A 278 18.92 10.75 5.87
N GLU A 279 20.21 11.00 5.72
CA GLU A 279 20.80 11.36 4.43
C GLU A 279 20.50 10.31 3.35
N LEU A 280 20.73 9.04 3.69
CA LEU A 280 20.51 7.93 2.74
C LEU A 280 19.14 8.01 2.08
N ARG A 281 18.11 8.29 2.88
CA ARG A 281 16.75 8.44 2.39
C ARG A 281 16.61 9.59 1.43
N LEU A 282 17.17 10.76 1.77
CA LEU A 282 17.09 11.88 0.87
C LEU A 282 17.83 11.54 -0.42
N LYS A 283 18.94 10.81 -0.32
CA LYS A 283 19.61 10.46 -1.57
C LYS A 283 18.72 9.54 -2.45
N GLN A 284 17.90 8.71 -1.80
CA GLN A 284 17.06 7.81 -2.57
C GLN A 284 15.98 8.63 -3.27
N GLU A 285 15.41 9.59 -2.54
CA GLU A 285 14.46 10.50 -3.11
C GLU A 285 15.03 11.29 -4.29
N TYR A 286 16.26 11.76 -4.18
CA TYR A 286 16.78 12.56 -5.27
C TYR A 286 17.08 11.65 -6.47
N PHE A 287 17.75 10.55 -6.15
CA PHE A 287 18.07 9.55 -7.15
C PHE A 287 16.89 9.18 -8.05
N VAL A 288 15.70 8.87 -7.49
CA VAL A 288 14.57 8.40 -8.35
C VAL A 288 14.00 9.55 -9.19
N VAL A 289 14.04 10.75 -8.62
CA VAL A 289 13.50 11.90 -9.28
C VAL A 289 14.40 12.45 -10.40
N ALA A 290 15.71 12.51 -10.20
CA ALA A 290 16.62 12.96 -11.27
C ALA A 290 16.66 12.01 -12.47
N ALA A 291 16.76 10.72 -12.20
CA ALA A 291 16.79 9.73 -13.27
C ALA A 291 15.47 9.72 -14.06
N THR A 292 14.35 9.75 -13.33
CA THR A 292 13.02 9.73 -13.89
C THR A 292 12.73 10.96 -14.77
N LEU A 293 13.00 12.18 -14.29
CA LEU A 293 12.81 13.36 -15.13
C LEU A 293 13.68 13.38 -16.37
N GLN A 294 14.91 12.88 -16.31
CA GLN A 294 15.67 12.96 -17.54
C GLN A 294 15.06 12.00 -18.53
N ASP A 295 14.60 10.85 -18.05
CA ASP A 295 13.97 9.86 -18.91
C ASP A 295 12.68 10.35 -19.49
N ILE A 296 11.93 11.11 -18.68
CA ILE A 296 10.69 11.72 -19.13
C ILE A 296 10.93 12.73 -20.24
N ILE A 297 11.87 13.66 -19.99
CA ILE A 297 12.24 14.71 -20.94
C ILE A 297 12.77 14.19 -22.30
N ARG A 298 13.74 13.29 -22.25
CA ARG A 298 14.18 12.46 -23.34
C ARG A 298 12.98 11.89 -24.16
N ARG A 299 12.03 11.22 -23.50
CA ARG A 299 10.86 10.70 -24.19
C ARG A 299 10.05 11.81 -24.83
N PHE A 300 9.89 12.95 -24.12
CA PHE A 300 9.21 14.13 -24.65
C PHE A 300 9.93 14.74 -25.87
N LYS A 301 11.26 14.75 -25.88
CA LYS A 301 11.98 15.31 -26.99
C LYS A 301 11.82 14.53 -28.32
N SER A 302 11.52 13.23 -28.24
CA SER A 302 11.37 12.35 -29.43
C SER A 302 9.92 12.22 -29.95
N SER A 303 9.16 13.31 -29.91
CA SER A 303 7.73 13.28 -30.29
C SER A 303 7.52 13.17 -31.82
N THR A 313 13.08 22.19 -27.40
CA THR A 313 12.79 23.58 -27.78
C THR A 313 11.42 24.06 -27.22
N ASN A 314 10.34 23.33 -27.57
CA ASN A 314 9.01 23.82 -27.21
C ASN A 314 8.29 23.17 -26.01
N PHE A 315 8.52 23.78 -24.86
CA PHE A 315 8.06 23.24 -23.63
C PHE A 315 6.65 23.70 -23.29
N ASP A 316 6.06 24.53 -24.14
CA ASP A 316 4.65 24.92 -23.97
C ASP A 316 3.73 23.72 -24.02
N ALA A 317 3.94 22.83 -24.98
CA ALA A 317 3.18 21.59 -25.06
C ALA A 317 3.54 20.54 -23.95
N PHE A 318 4.60 20.78 -23.17
CA PHE A 318 5.09 19.80 -22.21
C PHE A 318 3.94 19.30 -21.31
N PRO A 319 3.15 20.22 -20.72
CA PRO A 319 1.99 19.79 -19.93
C PRO A 319 0.86 19.13 -20.70
N ASP A 320 0.85 19.22 -22.00
CA ASP A 320 -0.15 18.51 -22.79
C ASP A 320 0.27 17.11 -23.12
N LYS A 321 1.55 16.81 -22.85
CA LYS A 321 2.16 15.54 -23.16
C LYS A 321 2.57 14.74 -21.92
N VAL A 322 2.81 15.47 -20.82
CA VAL A 322 3.32 14.88 -19.60
C VAL A 322 2.43 15.19 -18.40
N ALA A 323 2.08 14.15 -17.65
CA ALA A 323 1.49 14.30 -16.33
C ALA A 323 2.36 13.52 -15.35
N ILE A 324 2.74 14.17 -14.24
CA ILE A 324 3.56 13.58 -13.16
C ILE A 324 2.78 13.56 -11.85
N GLN A 325 2.47 12.35 -11.40
CA GLN A 325 1.75 12.18 -10.15
C GLN A 325 2.72 11.84 -9.04
N LEU A 326 2.69 12.64 -7.98
CA LEU A 326 3.59 12.41 -6.85
C LEU A 326 2.86 11.68 -5.75
N ASN A 327 3.35 10.49 -5.44
CA ASN A 327 2.79 9.66 -4.39
C ASN A 327 3.37 10.06 -3.05
N ASP A 328 2.68 10.98 -2.37
CA ASP A 328 3.13 11.65 -1.12
C ASP A 328 4.30 12.59 -1.43
N THR A 329 4.98 13.06 -0.41
CA THR A 329 6.03 14.03 -0.68
C THR A 329 7.34 13.35 -1.01
N HIS A 330 7.38 12.01 -1.00
CA HIS A 330 8.65 11.34 -1.20
C HIS A 330 9.42 11.77 -2.46
N PRO A 331 8.72 11.97 -3.59
CA PRO A 331 9.39 12.53 -4.77
C PRO A 331 9.10 13.99 -4.99
N SER A 332 8.83 14.74 -3.91
CA SER A 332 8.60 16.17 -4.03
C SER A 332 9.76 16.94 -4.74
N LEU A 333 10.99 16.45 -4.68
CA LEU A 333 12.07 17.15 -5.35
C LEU A 333 11.90 17.19 -6.88
N ALA A 334 10.99 16.37 -7.45
CA ALA A 334 10.60 16.52 -8.85
C ALA A 334 10.32 17.97 -9.18
N ILE A 335 9.75 18.70 -8.24
CA ILE A 335 9.35 20.09 -8.54
C ILE A 335 10.56 21.05 -8.76
N PRO A 336 11.49 21.15 -7.78
CA PRO A 336 12.59 22.06 -8.00
C PRO A 336 13.58 21.46 -9.00
N GLU A 337 13.51 20.13 -9.23
CA GLU A 337 14.36 19.47 -10.23
C GLU A 337 13.81 19.81 -11.61
N LEU A 338 12.50 19.78 -11.77
CA LEU A 338 11.96 20.18 -13.06
C LEU A 338 12.37 21.66 -13.37
N MET A 339 12.25 22.54 -12.38
CA MET A 339 12.69 23.92 -12.53
C MET A 339 14.15 24.00 -12.94
N ARG A 340 15.00 23.26 -12.21
CA ARG A 340 16.45 23.25 -12.46
C ARG A 340 16.77 22.91 -13.91
N VAL A 341 16.23 21.79 -14.38
CA VAL A 341 16.39 21.45 -15.79
C VAL A 341 15.90 22.57 -16.72
N LEU A 342 14.60 22.89 -16.68
CA LEU A 342 14.00 23.98 -17.49
C LEU A 342 14.79 25.30 -17.42
N VAL A 343 15.18 25.75 -16.23
CA VAL A 343 15.87 27.03 -16.13
C VAL A 343 17.38 26.92 -16.45
N ASP A 344 18.10 26.05 -15.77
CA ASP A 344 19.55 26.00 -15.90
C ASP A 344 19.97 25.31 -17.18
N LEU A 345 19.26 24.29 -17.63
CA LEU A 345 19.74 23.55 -18.78
C LEU A 345 19.09 23.97 -20.08
N GLU A 346 17.77 24.19 -20.10
CA GLU A 346 17.06 24.57 -21.32
C GLU A 346 16.92 26.06 -21.48
N ARG A 347 17.21 26.82 -20.43
CA ARG A 347 17.25 28.31 -20.46
C ARG A 347 15.90 29.02 -20.78
N LEU A 348 14.84 28.45 -20.26
CA LEU A 348 13.55 29.11 -20.21
C LEU A 348 13.58 30.10 -19.05
N ASP A 349 12.81 31.18 -19.13
CA ASP A 349 12.78 32.09 -18.01
C ASP A 349 11.91 31.49 -16.91
N TRP A 350 12.20 31.93 -15.70
CA TRP A 350 11.55 31.46 -14.51
C TRP A 350 10.03 31.35 -14.56
N ASP A 351 9.36 32.43 -14.92
CA ASP A 351 7.89 32.45 -14.98
C ASP A 351 7.31 31.39 -15.89
N LYS A 352 7.94 31.16 -17.02
CA LYS A 352 7.44 30.19 -17.97
C LYS A 352 7.70 28.72 -17.50
N ALA A 353 8.90 28.46 -16.96
CA ALA A 353 9.22 27.16 -16.41
C ALA A 353 8.22 26.83 -15.29
N TRP A 354 7.97 27.81 -14.43
CA TRP A 354 7.09 27.62 -13.29
C TRP A 354 5.66 27.27 -13.68
N GLU A 355 5.18 27.91 -14.73
CA GLU A 355 3.89 27.62 -15.32
C GLU A 355 3.85 26.16 -15.80
N VAL A 356 4.90 25.75 -16.50
CA VAL A 356 4.98 24.40 -17.03
C VAL A 356 4.97 23.32 -15.94
N THR A 357 5.75 23.57 -14.88
CA THR A 357 5.88 22.73 -13.72
C THR A 357 4.57 22.53 -12.99
N VAL A 358 3.92 23.62 -12.59
CA VAL A 358 2.62 23.51 -11.90
C VAL A 358 1.63 22.70 -12.77
N LYS A 359 1.57 22.98 -14.07
CA LYS A 359 0.58 22.30 -14.94
C LYS A 359 0.91 20.82 -15.17
N THR A 360 2.19 20.45 -14.95
CA THR A 360 2.62 19.05 -14.95
C THR A 360 2.36 18.24 -13.65
N CYS A 361 2.56 18.85 -12.50
CA CYS A 361 2.64 18.12 -11.25
C CYS A 361 1.35 18.16 -10.51
N ALA A 362 1.10 17.07 -9.81
CA ALA A 362 0.00 16.95 -8.89
C ALA A 362 0.45 16.09 -7.70
N TYR A 363 -0.21 16.32 -6.56
CA TYR A 363 0.24 15.77 -5.27
C TYR A 363 -0.87 15.05 -4.52
N THR A 364 -0.55 13.85 -4.05
CA THR A 364 -1.44 13.07 -3.23
C THR A 364 -0.90 12.95 -1.79
N ASN A 365 -1.71 13.40 -0.83
CA ASN A 365 -1.39 13.30 0.58
C ASN A 365 -2.00 12.05 1.18
N HIS A 366 -1.28 11.38 2.06
CA HIS A 366 -1.80 10.14 2.67
C HIS A 366 -1.92 10.13 4.18
N THR A 367 -1.66 11.23 4.86
CA THR A 367 -1.85 11.28 6.31
C THR A 367 -1.87 12.71 6.86
N VAL A 368 -2.48 12.90 8.05
CA VAL A 368 -2.46 14.17 8.75
C VAL A 368 -1.59 14.09 10.01
N LEU A 369 -1.07 12.91 10.34
CA LEU A 369 -0.24 12.80 11.55
C LEU A 369 1.04 13.64 11.40
N PRO A 370 1.25 14.59 12.31
CA PRO A 370 2.32 15.60 12.14
C PRO A 370 3.72 15.00 12.13
N GLU A 371 3.92 13.92 12.88
CA GLU A 371 5.18 13.25 12.89
C GLU A 371 5.48 12.43 11.59
N ALA A 372 4.48 12.26 10.71
CA ALA A 372 4.67 11.55 9.43
C ALA A 372 5.11 12.47 8.30
N LEU A 373 5.05 13.79 8.55
CA LEU A 373 5.34 14.80 7.55
C LEU A 373 6.84 14.98 7.32
N GLU A 374 7.24 15.08 6.07
CA GLU A 374 8.63 15.28 5.73
C GLU A 374 9.03 16.71 5.95
N ARG A 375 10.00 16.97 6.81
CA ARG A 375 10.53 18.34 6.94
C ARG A 375 12.06 18.30 6.91
N TRP A 376 12.67 18.49 5.75
CA TRP A 376 14.10 18.29 5.68
C TRP A 376 14.91 19.45 6.30
N PRO A 377 15.89 19.13 7.16
CA PRO A 377 16.84 20.10 7.67
C PRO A 377 17.52 20.80 6.53
N VAL A 378 17.59 22.12 6.58
CA VAL A 378 18.24 22.92 5.55
C VAL A 378 19.73 22.56 5.37
N HIS A 379 20.43 22.15 6.43
CA HIS A 379 21.86 21.83 6.31
C HIS A 379 22.08 20.61 5.46
N LEU A 380 21.16 19.65 5.54
CA LEU A 380 21.18 18.51 4.63
C LEU A 380 21.04 18.92 3.17
N LEU A 381 20.15 19.84 2.85
CA LEU A 381 19.90 20.12 1.43
C LEU A 381 21.00 20.96 0.86
N GLU A 382 21.56 21.81 1.70
CA GLU A 382 22.67 22.68 1.35
C GLU A 382 23.93 21.87 0.96
N THR A 383 24.21 20.79 1.69
CA THR A 383 25.42 20.01 1.37
C THR A 383 25.15 19.14 0.18
N LEU A 384 23.97 18.53 0.15
CA LEU A 384 23.67 17.49 -0.81
C LEU A 384 23.15 18.00 -2.12
N LEU A 385 22.32 19.05 -2.08
CA LEU A 385 21.61 19.53 -3.26
C LEU A 385 21.61 21.04 -3.30
N PRO A 386 22.80 21.68 -3.32
CA PRO A 386 22.84 23.12 -3.03
C PRO A 386 21.99 23.98 -3.96
N ARG A 387 21.90 23.58 -5.22
CA ARG A 387 21.10 24.30 -6.19
C ARG A 387 19.59 24.17 -5.97
N HIS A 388 19.14 22.95 -5.65
CA HIS A 388 17.77 22.75 -5.31
C HIS A 388 17.36 23.59 -4.13
N LEU A 389 18.28 23.90 -3.20
CA LEU A 389 17.88 24.77 -2.09
C LEU A 389 17.65 26.20 -2.60
N GLN A 390 18.51 26.66 -3.54
CA GLN A 390 18.37 27.98 -4.15
C GLN A 390 17.03 28.09 -4.81
N ILE A 391 16.67 27.08 -5.59
CA ILE A 391 15.40 27.09 -6.28
C ILE A 391 14.23 27.13 -5.28
N ILE A 392 14.37 26.40 -4.19
CA ILE A 392 13.35 26.30 -3.22
C ILE A 392 13.14 27.64 -2.53
N TYR A 393 14.22 28.37 -2.24
CA TYR A 393 14.12 29.70 -1.59
C TYR A 393 13.43 30.68 -2.53
N GLU A 394 13.80 30.62 -3.80
CA GLU A 394 13.15 31.39 -4.80
C GLU A 394 11.70 30.98 -4.95
N ILE A 395 11.40 29.69 -4.78
CA ILE A 395 9.98 29.31 -4.89
C ILE A 395 9.21 29.96 -3.73
N ASN A 396 9.78 29.85 -2.55
CA ASN A 396 9.16 30.35 -1.34
C ASN A 396 8.86 31.83 -1.39
N GLN A 397 9.85 32.59 -1.86
CA GLN A 397 9.79 34.02 -1.88
C GLN A 397 8.65 34.49 -2.81
N ARG A 398 8.65 34.00 -4.03
CA ARG A 398 7.61 34.34 -4.97
C ARG A 398 6.23 33.87 -4.53
N PHE A 399 6.17 32.78 -3.78
CA PHE A 399 4.90 32.28 -3.30
C PHE A 399 4.36 33.18 -2.19
N LEU A 400 5.25 33.60 -1.30
CA LEU A 400 4.86 34.42 -0.20
C LEU A 400 4.41 35.81 -0.60
N ASN A 401 4.93 36.33 -1.73
CA ASN A 401 4.40 37.57 -2.30
C ASN A 401 2.99 37.40 -2.81
N ARG A 402 2.64 36.26 -3.38
CA ARG A 402 1.20 36.04 -3.70
C ARG A 402 0.37 36.01 -2.41
N VAL A 403 0.90 35.39 -1.36
CA VAL A 403 0.16 35.32 -0.08
C VAL A 403 -0.08 36.74 0.46
N ALA A 404 1.03 37.47 0.63
CA ALA A 404 1.02 38.84 1.11
C ALA A 404 0.04 39.67 0.31
N ALA A 405 0.05 39.54 -1.02
CA ALA A 405 -0.83 40.37 -1.84
C ALA A 405 -2.28 39.98 -1.67
N ALA A 406 -2.59 38.73 -1.32
CA ALA A 406 -4.00 38.33 -1.22
C ALA A 406 -4.55 38.53 0.19
N PHE A 407 -3.64 38.50 1.17
CA PHE A 407 -4.04 38.68 2.56
C PHE A 407 -3.14 39.75 3.19
N PRO A 408 -3.25 40.98 2.68
CA PRO A 408 -2.26 41.99 3.10
C PRO A 408 -2.31 42.22 4.62
N GLY A 409 -1.16 42.31 5.25
CA GLY A 409 -1.10 42.56 6.67
C GLY A 409 -1.15 41.35 7.56
N ASP A 410 -1.46 40.19 7.01
CA ASP A 410 -1.54 38.96 7.79
C ASP A 410 -0.18 38.29 7.97
N VAL A 411 0.67 38.84 8.83
CA VAL A 411 2.03 38.31 8.99
C VAL A 411 2.05 36.90 9.55
N ASP A 412 1.02 36.50 10.29
CA ASP A 412 0.90 35.11 10.76
C ASP A 412 0.76 34.05 9.63
N ARG A 413 -0.18 34.30 8.73
CA ARG A 413 -0.35 33.49 7.54
C ARG A 413 1.02 33.23 6.91
N LEU A 414 1.81 34.29 6.80
CA LEU A 414 3.13 34.24 6.20
C LEU A 414 4.04 33.26 6.91
N ARG A 415 4.13 33.29 8.24
CA ARG A 415 4.96 32.24 8.90
C ARG A 415 4.38 30.82 8.80
N ARG A 416 3.08 30.64 8.99
CA ARG A 416 2.43 29.35 8.78
C ARG A 416 2.57 28.79 7.34
N MET A 417 2.59 29.65 6.33
CA MET A 417 2.60 29.17 4.97
C MET A 417 3.99 28.98 4.37
N SER A 418 5.01 29.57 4.97
CA SER A 418 6.34 29.44 4.45
C SER A 418 6.73 27.97 4.14
N LEU A 419 7.35 27.74 3.00
CA LEU A 419 7.97 26.44 2.79
C LEU A 419 9.15 26.28 3.76
N VAL A 420 9.68 27.40 4.27
CA VAL A 420 10.77 27.37 5.26
C VAL A 420 10.28 27.53 6.73
N GLU A 421 10.34 26.47 7.52
CA GLU A 421 10.06 26.55 8.97
C GLU A 421 11.27 27.01 9.76
N GLU A 422 11.10 28.10 10.50
CA GLU A 422 12.11 28.53 11.46
C GLU A 422 11.98 27.74 12.79
N GLY A 423 13.00 27.81 13.64
CA GLY A 423 13.10 26.94 14.82
C GLY A 423 14.56 26.60 15.05
N ALA A 424 14.82 25.86 16.14
CA ALA A 424 16.20 25.53 16.48
C ALA A 424 17.03 25.14 15.21
N VAL A 425 16.51 24.22 14.38
CA VAL A 425 17.04 23.98 13.01
C VAL A 425 15.99 24.39 11.97
N LYS A 426 16.41 25.15 10.97
CA LYS A 426 15.57 25.42 9.81
C LYS A 426 15.28 24.10 9.05
N ARG A 427 14.03 23.93 8.61
CA ARG A 427 13.61 22.79 7.80
C ARG A 427 12.84 23.26 6.57
N ILE A 428 12.82 22.47 5.51
CA ILE A 428 11.91 22.71 4.43
C ILE A 428 10.69 21.84 4.65
N ASN A 429 9.49 22.41 4.63
CA ASN A 429 8.27 21.60 4.75
C ASN A 429 7.89 21.16 3.33
N MET A 430 8.08 19.84 3.06
CA MET A 430 7.91 19.29 1.72
C MET A 430 6.46 19.30 1.24
N ALA A 431 5.51 19.13 2.15
CA ALA A 431 4.11 19.26 1.80
C ALA A 431 3.78 20.64 1.21
N HIS A 432 4.30 21.69 1.85
CA HIS A 432 4.08 23.05 1.38
C HIS A 432 4.63 23.23 -0.02
N LEU A 433 5.80 22.64 -0.28
CA LEU A 433 6.39 22.64 -1.61
C LEU A 433 5.43 22.03 -2.63
N CYS A 434 4.85 20.87 -2.29
CA CYS A 434 3.98 20.19 -3.24
C CYS A 434 2.72 21.01 -3.57
N ILE A 435 2.14 21.65 -2.55
CA ILE A 435 0.96 22.46 -2.78
C ILE A 435 1.34 23.65 -3.64
N ALA A 436 2.45 24.32 -3.34
CA ALA A 436 2.78 25.53 -4.11
C ALA A 436 3.00 25.22 -5.61
N GLY A 437 3.64 24.09 -5.86
CA GLY A 437 4.10 23.76 -7.20
C GLY A 437 3.28 22.69 -7.91
N SER A 438 2.06 22.44 -7.43
CA SER A 438 1.18 21.48 -8.06
C SER A 438 -0.18 22.07 -8.46
N HIS A 439 -0.77 21.63 -9.57
CA HIS A 439 -2.09 22.17 -9.92
C HIS A 439 -3.25 21.44 -9.25
N ALA A 440 -2.97 20.32 -8.59
CA ALA A 440 -4.01 19.63 -7.86
C ALA A 440 -3.38 18.91 -6.69
N VAL A 441 -4.09 18.97 -5.56
CA VAL A 441 -3.75 18.28 -4.35
C VAL A 441 -4.96 17.46 -3.95
N ASN A 442 -4.76 16.18 -3.68
CA ASN A 442 -5.89 15.34 -3.27
C ASN A 442 -5.66 14.53 -2.00
N GLY A 443 -6.75 14.31 -1.25
CA GLY A 443 -6.77 13.33 -0.18
C GLY A 443 -7.29 12.03 -0.77
N VAL A 444 -7.49 11.07 0.13
CA VAL A 444 -7.64 9.69 -0.34
C VAL A 444 -8.94 9.04 0.16
N ALA A 445 -9.76 9.84 0.81
CA ALA A 445 -11.10 9.45 1.19
C ALA A 445 -11.74 10.75 1.56
N ARG A 446 -13.06 10.80 1.44
CA ARG A 446 -13.79 12.06 1.49
C ARG A 446 -13.56 12.82 2.83
N ILE A 447 -13.53 12.10 3.94
CA ILE A 447 -13.40 12.75 5.22
C ILE A 447 -11.96 13.28 5.42
N HIS A 448 -11.00 12.53 4.88
CA HIS A 448 -9.61 12.90 4.90
C HIS A 448 -9.40 14.22 4.12
N SER A 449 -9.95 14.28 2.92
CA SER A 449 -9.92 15.54 2.14
C SER A 449 -10.60 16.72 2.83
N GLU A 450 -11.74 16.54 3.50
CA GLU A 450 -12.33 17.61 4.28
C GLU A 450 -11.38 18.05 5.36
N ILE A 451 -10.92 17.12 6.19
CA ILE A 451 -9.97 17.45 7.26
C ILE A 451 -8.72 18.27 6.76
N LEU A 452 -8.23 17.91 5.56
CA LEU A 452 -7.15 18.63 4.91
C LEU A 452 -7.55 20.09 4.73
N LYS A 453 -8.77 20.31 4.24
CA LYS A 453 -9.24 21.65 3.93
C LYS A 453 -9.57 22.49 5.15
N LYS A 454 -9.85 21.81 6.26
CA LYS A 454 -10.32 22.45 7.46
C LYS A 454 -9.24 22.59 8.49
N THR A 455 -8.17 21.79 8.40
CA THR A 455 -7.10 21.89 9.38
C THR A 455 -5.71 22.16 8.77
N ILE A 456 -4.90 21.15 8.44
CA ILE A 456 -3.51 21.43 8.09
C ILE A 456 -3.23 22.23 6.84
N PHE A 457 -4.15 22.23 5.88
CA PHE A 457 -3.92 22.99 4.67
C PHE A 457 -4.99 24.01 4.50
N LYS A 458 -5.66 24.37 5.59
CA LYS A 458 -6.67 25.43 5.56
C LYS A 458 -6.16 26.75 4.88
N ASP A 459 -5.00 27.27 5.31
CA ASP A 459 -4.41 28.49 4.73
C ASP A 459 -4.29 28.38 3.19
N PHE A 460 -3.74 27.25 2.71
CA PHE A 460 -3.54 26.96 1.30
C PHE A 460 -4.83 26.84 0.55
N TYR A 461 -5.84 26.20 1.14
CA TYR A 461 -7.17 26.12 0.56
C TYR A 461 -7.86 27.50 0.34
N GLU A 462 -7.63 28.45 1.26
CA GLU A 462 -8.22 29.77 1.19
C GLU A 462 -7.58 30.53 0.10
N LEU A 463 -6.28 30.29 -0.09
CA LEU A 463 -5.50 30.89 -1.17
C LEU A 463 -5.93 30.34 -2.51
N GLU A 464 -5.95 29.01 -2.68
CA GLU A 464 -6.26 28.41 -3.99
C GLU A 464 -7.27 27.27 -3.88
N PRO A 465 -8.54 27.62 -3.64
CA PRO A 465 -9.47 26.53 -3.39
C PRO A 465 -9.56 25.57 -4.57
N HIS A 466 -9.45 26.06 -5.80
CA HIS A 466 -9.52 25.19 -6.98
C HIS A 466 -8.53 23.98 -7.00
N LYS A 467 -7.36 24.11 -6.35
CA LYS A 467 -6.40 22.99 -6.28
C LYS A 467 -6.87 21.76 -5.50
N PHE A 468 -7.80 21.88 -4.58
CA PHE A 468 -8.05 20.78 -3.67
C PHE A 468 -9.20 19.87 -4.11
N GLN A 469 -8.91 18.57 -4.22
CA GLN A 469 -9.84 17.58 -4.70
C GLN A 469 -9.81 16.38 -3.77
N ASN A 470 -10.71 15.44 -4.05
CA ASN A 470 -10.75 14.14 -3.38
C ASN A 470 -10.69 13.03 -4.43
N LYS A 471 -9.97 11.96 -4.07
CA LYS A 471 -9.97 10.74 -4.85
C LYS A 471 -9.95 9.60 -3.87
N THR A 472 -11.13 9.09 -3.50
CA THR A 472 -11.23 7.97 -2.58
C THR A 472 -10.53 6.82 -3.18
N ASN A 473 -9.70 6.17 -2.39
CA ASN A 473 -8.91 5.03 -2.79
C ASN A 473 -9.82 3.89 -3.30
N GLY A 474 -9.21 2.91 -3.95
CA GLY A 474 -9.83 1.62 -4.24
C GLY A 474 -8.74 0.53 -4.31
N ILE A 475 -9.14 -0.68 -4.64
CA ILE A 475 -8.26 -1.87 -4.68
C ILE A 475 -8.61 -2.44 -6.04
N THR A 476 -7.73 -3.26 -6.62
CA THR A 476 -8.04 -3.91 -7.90
C THR A 476 -8.79 -5.21 -7.71
N PRO A 477 -9.90 -5.36 -8.42
CA PRO A 477 -10.64 -6.57 -8.17
C PRO A 477 -10.00 -7.76 -8.87
N ARG A 478 -9.02 -7.53 -9.74
CA ARG A 478 -8.30 -8.70 -10.29
C ARG A 478 -7.54 -9.45 -9.20
N ARG A 479 -6.56 -8.81 -8.56
CA ARG A 479 -5.86 -9.47 -7.42
C ARG A 479 -6.81 -9.75 -6.26
N TRP A 480 -7.68 -8.82 -5.90
CA TRP A 480 -8.36 -8.90 -4.59
C TRP A 480 -9.70 -9.66 -4.55
N LEU A 481 -10.05 -10.24 -5.69
CA LEU A 481 -11.22 -11.07 -5.79
C LEU A 481 -10.93 -12.21 -6.72
N VAL A 482 -10.80 -11.94 -8.04
CA VAL A 482 -10.60 -13.03 -9.02
C VAL A 482 -9.41 -13.91 -8.64
N LEU A 483 -8.30 -13.29 -8.29
CA LEU A 483 -7.10 -14.07 -8.01
C LEU A 483 -7.13 -14.79 -6.64
N CYS A 484 -7.45 -14.09 -5.57
CA CYS A 484 -7.33 -14.67 -4.24
C CYS A 484 -8.60 -15.45 -3.85
N ASN A 485 -9.67 -15.24 -4.58
CA ASN A 485 -10.93 -15.86 -4.18
C ASN A 485 -11.76 -16.42 -5.36
N PRO A 486 -11.18 -17.39 -6.10
CA PRO A 486 -11.82 -17.92 -7.29
C PRO A 486 -13.23 -18.48 -6.98
N GLY A 487 -13.39 -19.12 -5.84
CA GLY A 487 -14.70 -19.63 -5.49
C GLY A 487 -15.82 -18.61 -5.56
N LEU A 488 -15.61 -17.44 -4.93
CA LEU A 488 -16.61 -16.41 -4.88
C LEU A 488 -16.73 -15.75 -6.22
N ALA A 489 -15.64 -15.60 -6.95
CA ALA A 489 -15.73 -14.93 -8.26
C ALA A 489 -16.63 -15.75 -9.23
N GLU A 490 -16.48 -17.07 -9.15
CA GLU A 490 -17.23 -18.03 -9.96
C GLU A 490 -18.73 -17.98 -9.64
N ILE A 491 -19.08 -17.97 -8.35
CA ILE A 491 -20.49 -17.98 -8.03
C ILE A 491 -21.13 -16.62 -8.32
N ILE A 492 -20.37 -15.55 -8.16
CA ILE A 492 -20.87 -14.30 -8.70
C ILE A 492 -21.11 -14.43 -10.20
N ALA A 493 -20.14 -14.98 -10.94
CA ALA A 493 -20.20 -15.02 -12.40
C ALA A 493 -21.31 -15.97 -12.94
N GLU A 494 -21.59 -17.05 -12.21
CA GLU A 494 -22.77 -17.87 -12.49
C GLU A 494 -24.05 -17.04 -12.63
N ARG A 495 -24.30 -16.14 -11.68
CA ARG A 495 -25.52 -15.35 -11.69
C ARG A 495 -25.46 -14.16 -12.67
N ILE A 496 -24.40 -13.35 -12.67
CA ILE A 496 -24.44 -12.09 -13.43
C ILE A 496 -23.43 -11.89 -14.56
N GLY A 497 -22.62 -12.89 -14.87
CA GLY A 497 -21.67 -12.76 -15.94
C GLY A 497 -20.29 -12.41 -15.44
N GLU A 498 -19.37 -12.24 -16.38
CA GLU A 498 -17.98 -11.95 -16.09
C GLU A 498 -17.65 -10.47 -16.23
N GLU A 499 -18.53 -9.68 -16.85
CA GLU A 499 -18.28 -8.26 -17.15
C GLU A 499 -17.93 -7.42 -15.90
N TYR A 500 -18.24 -7.91 -14.71
CA TYR A 500 -18.06 -7.12 -13.51
C TYR A 500 -16.60 -7.07 -13.11
N ILE A 501 -15.80 -8.03 -13.58
CA ILE A 501 -14.39 -7.99 -13.29
C ILE A 501 -13.68 -6.67 -13.69
N SER A 502 -14.13 -5.98 -14.74
CA SER A 502 -13.61 -4.63 -15.01
C SER A 502 -14.71 -3.57 -15.00
N ASP A 503 -15.83 -3.93 -14.38
CA ASP A 503 -16.83 -2.96 -14.14
C ASP A 503 -17.51 -3.43 -12.85
N LEU A 504 -16.92 -3.04 -11.72
CA LEU A 504 -17.28 -3.66 -10.49
C LEU A 504 -18.62 -3.14 -9.97
N ASP A 505 -19.13 -2.08 -10.61
CA ASP A 505 -20.44 -1.51 -10.26
C ASP A 505 -21.53 -2.51 -10.50
N GLN A 506 -21.34 -3.36 -11.47
CA GLN A 506 -22.29 -4.43 -11.72
C GLN A 506 -22.56 -5.36 -10.56
N LEU A 507 -21.69 -5.40 -9.57
CA LEU A 507 -21.93 -6.24 -8.40
C LEU A 507 -23.27 -5.90 -7.72
N ARG A 508 -23.72 -4.67 -7.95
CA ARG A 508 -24.96 -4.11 -7.42
C ARG A 508 -26.18 -4.94 -7.86
N LYS A 509 -26.01 -5.72 -8.91
CA LYS A 509 -27.05 -6.61 -9.36
C LYS A 509 -27.21 -7.80 -8.45
N LEU A 510 -26.26 -8.07 -7.55
CA LEU A 510 -26.41 -9.19 -6.60
C LEU A 510 -27.46 -8.85 -5.55
N LEU A 511 -27.84 -7.59 -5.53
CA LEU A 511 -28.89 -7.17 -4.61
C LEU A 511 -30.19 -7.94 -4.85
N SER A 512 -30.55 -8.21 -6.11
CA SER A 512 -31.73 -9.05 -6.33
C SER A 512 -31.56 -10.55 -5.98
N TYR A 513 -30.45 -10.91 -5.38
CA TYR A 513 -30.20 -12.31 -5.03
C TYR A 513 -30.14 -12.47 -3.53
N VAL A 514 -30.54 -11.39 -2.85
CA VAL A 514 -30.44 -11.32 -1.40
C VAL A 514 -31.38 -12.31 -0.66
N ASP A 515 -32.51 -12.63 -1.28
CA ASP A 515 -33.50 -13.55 -0.72
C ASP A 515 -33.51 -14.90 -1.42
N ASP A 516 -32.54 -15.12 -2.31
CA ASP A 516 -32.40 -16.36 -3.05
C ASP A 516 -31.72 -17.40 -2.17
N GLU A 517 -32.41 -18.50 -1.94
CA GLU A 517 -31.89 -19.52 -1.05
C GLU A 517 -30.62 -20.20 -1.56
N ALA A 518 -30.50 -20.37 -2.87
CA ALA A 518 -29.35 -21.06 -3.48
C ALA A 518 -28.10 -20.21 -3.35
N PHE A 519 -28.20 -18.95 -3.77
CA PHE A 519 -27.12 -17.97 -3.52
C PHE A 519 -26.64 -17.87 -2.08
N ILE A 520 -27.58 -17.71 -1.15
CA ILE A 520 -27.26 -17.67 0.28
C ILE A 520 -26.40 -18.87 0.69
N ARG A 521 -26.78 -20.05 0.22
CA ARG A 521 -26.09 -21.29 0.51
C ARG A 521 -24.70 -21.27 -0.14
N ASP A 522 -24.62 -20.77 -1.36
CA ASP A 522 -23.33 -20.70 -2.06
C ASP A 522 -22.35 -19.74 -1.47
N VAL A 523 -22.76 -18.49 -1.23
CA VAL A 523 -21.92 -17.54 -0.49
C VAL A 523 -21.38 -18.17 0.83
N ALA A 524 -22.25 -18.78 1.63
CA ALA A 524 -21.77 -19.36 2.88
C ALA A 524 -20.79 -20.49 2.65
N LYS A 525 -21.10 -21.34 1.66
CA LYS A 525 -20.24 -22.48 1.31
C LYS A 525 -18.80 -22.05 0.90
N VAL A 526 -18.70 -21.03 0.05
CA VAL A 526 -17.39 -20.47 -0.27
C VAL A 526 -16.60 -19.96 0.94
N LYS A 527 -17.26 -19.21 1.82
CA LYS A 527 -16.61 -18.74 3.03
C LYS A 527 -16.13 -19.96 3.83
N GLN A 528 -17.01 -20.96 3.95
CA GLN A 528 -16.68 -22.16 4.69
C GLN A 528 -15.46 -22.86 4.09
N GLU A 529 -15.45 -22.94 2.76
CA GLU A 529 -14.26 -23.49 2.11
C GLU A 529 -12.94 -22.71 2.37
N ASN A 530 -12.98 -21.38 2.31
CA ASN A 530 -11.79 -20.54 2.49
C ASN A 530 -11.27 -20.68 3.93
N LYS A 531 -12.17 -20.74 4.90
CA LYS A 531 -11.82 -20.96 6.29
C LYS A 531 -11.10 -22.29 6.51
N LEU A 532 -11.67 -23.36 6.00
CA LEU A 532 -11.10 -24.71 6.07
C LEU A 532 -9.73 -24.75 5.45
N LYS A 533 -9.60 -24.13 4.28
CA LYS A 533 -8.32 -24.11 3.56
C LYS A 533 -7.24 -23.30 4.29
N PHE A 534 -7.67 -22.21 4.97
CA PHE A 534 -6.73 -21.35 5.66
C PHE A 534 -6.29 -21.98 6.97
N ALA A 535 -7.18 -22.77 7.56
CA ALA A 535 -6.94 -23.46 8.83
C ALA A 535 -5.91 -24.56 8.63
N ALA A 536 -5.92 -25.09 7.41
CA ALA A 536 -4.98 -26.10 6.99
C ALA A 536 -3.63 -25.43 6.69
N TYR A 537 -3.66 -24.29 6.01
CA TYR A 537 -2.47 -23.50 5.84
C TYR A 537 -1.88 -23.21 7.21
N LEU A 538 -2.71 -23.06 8.23
CA LEU A 538 -2.16 -22.74 9.53
C LEU A 538 -1.40 -23.91 10.13
N GLU A 539 -1.88 -25.14 9.93
CA GLU A 539 -1.24 -26.35 10.49
C GLU A 539 0.00 -26.82 9.73
N ARG A 540 -0.05 -26.86 8.40
CA ARG A 540 1.10 -27.24 7.55
C ARG A 540 2.32 -26.32 7.67
N GLU A 541 2.10 -25.01 7.59
CA GLU A 541 3.20 -24.03 7.47
C GLU A 541 3.67 -23.38 8.78
N TYR A 542 2.82 -23.40 9.82
CA TYR A 542 3.15 -22.83 11.14
C TYR A 542 2.69 -23.64 12.36
N LYS A 543 2.34 -24.90 12.15
CA LYS A 543 2.07 -25.91 13.22
C LYS A 543 1.09 -25.45 14.35
N VAL A 544 0.11 -24.64 13.97
CA VAL A 544 -0.90 -24.08 14.90
C VAL A 544 -2.38 -24.35 14.44
N HIS A 545 -3.31 -24.43 15.41
CA HIS A 545 -4.43 -25.42 15.47
C HIS A 545 -5.82 -24.87 15.82
N ILE A 546 -6.62 -24.50 14.80
CA ILE A 546 -7.82 -23.66 15.04
C ILE A 546 -9.19 -24.25 14.66
N ASN A 547 -10.19 -24.07 15.51
CA ASN A 547 -11.58 -24.46 15.19
C ASN A 547 -12.21 -23.66 14.01
N PRO A 548 -12.50 -24.32 12.87
CA PRO A 548 -12.94 -23.56 11.69
C PRO A 548 -14.42 -23.24 11.72
N ASN A 549 -15.08 -23.66 12.78
CA ASN A 549 -16.45 -23.20 13.01
C ASN A 549 -16.55 -21.93 13.82
N SER A 550 -15.41 -21.38 14.23
CA SER A 550 -15.45 -20.14 14.97
C SER A 550 -15.60 -18.98 14.01
N LEU A 551 -15.97 -17.82 14.56
CA LEU A 551 -15.98 -16.58 13.82
C LEU A 551 -14.49 -16.19 13.63
N PHE A 552 -14.07 -15.88 12.41
CA PHE A 552 -12.68 -15.45 12.18
C PHE A 552 -12.61 -13.94 12.31
N ASP A 553 -11.99 -13.49 13.40
CA ASP A 553 -11.90 -12.07 13.75
C ASP A 553 -10.47 -11.63 13.41
N VAL A 554 -10.33 -10.88 12.34
CA VAL A 554 -9.00 -10.51 11.91
C VAL A 554 -8.72 -9.04 11.80
N GLN A 555 -7.58 -8.69 12.38
CA GLN A 555 -6.96 -7.39 12.19
C GLN A 555 -5.58 -7.57 11.54
N VAL A 556 -5.49 -7.19 10.27
CA VAL A 556 -4.19 -7.20 9.61
C VAL A 556 -3.85 -5.86 8.98
N LYS A 557 -2.59 -5.44 9.10
CA LYS A 557 -2.11 -4.08 8.77
C LYS A 557 -0.86 -3.75 9.63
N ARG A 558 -0.09 -2.75 9.24
CA ARG A 558 1.09 -2.42 10.04
C ARG A 558 0.70 -2.05 11.52
N ILE A 559 1.61 -2.34 12.45
CA ILE A 559 1.36 -2.07 13.84
C ILE A 559 1.58 -0.59 14.12
N HIS A 560 0.53 0.12 14.52
CA HIS A 560 0.65 1.53 14.86
C HIS A 560 -0.25 1.82 16.04
N GLU A 561 0.15 2.79 16.87
CA GLU A 561 -0.75 3.25 17.95
C GLU A 561 -2.08 3.77 17.39
N TYR A 562 -2.06 4.46 16.25
CA TYR A 562 -3.33 5.04 15.76
C TYR A 562 -4.26 3.95 15.21
N LYS A 563 -3.70 2.81 14.79
CA LYS A 563 -4.54 1.73 14.28
C LYS A 563 -5.17 0.91 15.43
N ARG A 564 -4.68 1.16 16.66
CA ARG A 564 -5.27 0.64 17.91
C ARG A 564 -5.49 -0.89 18.01
N GLN A 565 -4.49 -1.65 17.55
CA GLN A 565 -4.49 -3.07 17.85
C GLN A 565 -4.68 -3.23 19.37
N LEU A 566 -4.23 -2.23 20.17
CA LEU A 566 -4.40 -2.30 21.62
C LEU A 566 -5.88 -2.36 22.02
N LEU A 567 -6.73 -1.60 21.31
CA LEU A 567 -8.14 -1.63 21.62
C LEU A 567 -8.61 -3.06 21.40
N ASN A 568 -8.08 -3.74 20.38
CA ASN A 568 -8.48 -5.12 20.05
C ASN A 568 -8.04 -6.02 21.20
N CYS A 569 -6.83 -5.83 21.69
CA CYS A 569 -6.29 -6.61 22.80
C CYS A 569 -7.19 -6.53 24.03
N LEU A 570 -7.77 -5.35 24.29
CA LEU A 570 -8.58 -5.16 25.47
C LEU A 570 -9.88 -5.85 25.34
N HIS A 571 -10.39 -5.96 24.11
CA HIS A 571 -11.58 -6.75 23.92
C HIS A 571 -11.25 -8.22 24.19
N VAL A 572 -10.14 -8.69 23.59
CA VAL A 572 -9.80 -10.08 23.66
C VAL A 572 -9.61 -10.50 25.13
N ILE A 573 -8.93 -9.67 25.91
CA ILE A 573 -8.77 -9.89 27.33
C ILE A 573 -10.16 -9.87 28.01
N THR A 574 -11.08 -9.06 27.52
CA THR A 574 -12.39 -9.01 28.17
C THR A 574 -13.17 -10.31 27.95
N LEU A 575 -13.12 -10.84 26.71
CA LEU A 575 -13.82 -12.07 26.37
C LEU A 575 -13.29 -13.16 27.28
N TYR A 576 -11.98 -13.19 27.43
CA TYR A 576 -11.33 -14.13 28.30
C TYR A 576 -11.84 -14.02 29.72
N ASN A 577 -11.82 -12.81 30.27
CA ASN A 577 -12.28 -12.60 31.63
C ASN A 577 -13.76 -12.97 31.90
N ARG A 578 -14.65 -12.69 30.96
CA ARG A 578 -16.04 -13.08 31.04
C ARG A 578 -16.24 -14.60 30.95
N ILE A 579 -15.39 -15.28 30.19
CA ILE A 579 -15.45 -16.70 30.12
C ILE A 579 -15.05 -17.25 31.47
N LYS A 580 -13.98 -16.72 32.06
CA LYS A 580 -13.53 -17.21 33.35
C LYS A 580 -14.45 -16.88 34.52
N LYS A 581 -15.38 -15.95 34.34
CA LYS A 581 -16.29 -15.55 35.41
C LYS A 581 -17.47 -16.53 35.41
N GLU A 582 -18.14 -16.68 34.26
CA GLU A 582 -19.17 -17.72 34.08
C GLU A 582 -18.73 -18.76 33.03
N PRO A 583 -17.87 -19.70 33.43
CA PRO A 583 -17.32 -20.61 32.40
C PRO A 583 -18.34 -21.52 31.71
N ASN A 584 -19.51 -21.73 32.31
CA ASN A 584 -20.48 -22.70 31.77
C ASN A 584 -21.60 -22.09 30.95
N LYS A 585 -21.40 -20.84 30.57
CA LYS A 585 -22.35 -20.09 29.76
C LYS A 585 -21.89 -20.13 28.30
N PHE A 586 -22.81 -20.02 27.36
CA PHE A 586 -22.45 -20.10 25.96
C PHE A 586 -21.91 -18.78 25.42
N VAL A 587 -20.78 -18.84 24.73
CA VAL A 587 -20.27 -17.68 23.99
C VAL A 587 -20.07 -18.11 22.55
N VAL A 588 -20.31 -17.22 21.59
CA VAL A 588 -20.00 -17.52 20.20
C VAL A 588 -18.48 -17.66 20.09
N PRO A 589 -17.97 -18.84 19.71
CA PRO A 589 -16.50 -19.00 19.70
C PRO A 589 -15.83 -18.18 18.62
N ARG A 590 -14.61 -17.76 18.87
CA ARG A 590 -13.92 -16.86 17.96
C ARG A 590 -12.50 -17.25 17.83
N THR A 591 -11.98 -17.10 16.63
CA THR A 591 -10.54 -17.09 16.43
C THR A 591 -10.12 -15.67 16.12
N VAL A 592 -9.43 -15.06 17.08
CA VAL A 592 -8.94 -13.71 16.87
C VAL A 592 -7.54 -13.79 16.31
N MET A 593 -7.37 -13.23 15.13
CA MET A 593 -6.10 -13.23 14.42
C MET A 593 -5.72 -11.77 14.17
N ILE A 594 -4.46 -11.46 14.50
CA ILE A 594 -3.88 -10.14 14.41
C ILE A 594 -2.47 -10.26 13.82
N GLY A 595 -2.20 -9.48 12.79
CA GLY A 595 -0.89 -9.55 12.17
C GLY A 595 -0.47 -8.23 11.59
N GLY A 596 0.83 -8.09 11.37
CA GLY A 596 1.40 -6.88 10.82
C GLY A 596 2.79 -6.74 11.35
N LYS A 597 3.62 -6.05 10.57
CA LYS A 597 4.98 -5.67 10.99
C LYS A 597 5.02 -4.32 11.72
N ALA A 598 5.97 -4.19 12.65
CA ALA A 598 6.37 -2.94 13.30
C ALA A 598 7.65 -2.42 12.69
N ALA A 599 7.73 -1.11 12.46
CA ALA A 599 9.00 -0.50 12.04
C ALA A 599 10.08 -0.83 13.08
N PRO A 600 11.30 -1.19 12.65
CA PRO A 600 12.29 -1.67 13.59
C PRO A 600 12.59 -0.79 14.83
N GLY A 601 12.67 0.54 14.69
CA GLY A 601 12.90 1.37 15.90
C GLY A 601 11.68 1.91 16.67
N TYR A 602 10.48 1.40 16.36
CA TYR A 602 9.22 1.86 16.96
C TYR A 602 8.96 1.03 18.22
N HIS A 603 9.56 1.45 19.32
CA HIS A 603 9.49 0.65 20.52
C HIS A 603 8.08 0.19 20.89
N MET A 604 7.14 1.12 20.99
CA MET A 604 5.75 0.81 21.41
C MET A 604 5.17 -0.23 20.48
N ALA A 605 5.31 -0.04 19.17
CA ALA A 605 4.79 -1.02 18.22
C ALA A 605 5.30 -2.43 18.53
N LYS A 606 6.59 -2.53 18.85
CA LYS A 606 7.21 -3.82 19.22
C LYS A 606 6.71 -4.35 20.54
N MET A 607 6.29 -3.48 21.44
CA MET A 607 5.69 -3.90 22.70
C MET A 607 4.32 -4.46 22.49
N ILE A 608 3.52 -3.83 21.62
CA ILE A 608 2.18 -4.33 21.24
C ILE A 608 2.24 -5.77 20.68
N ILE A 609 3.15 -6.04 19.75
CA ILE A 609 3.32 -7.39 19.24
C ILE A 609 3.60 -8.35 20.39
N LYS A 610 4.48 -7.95 21.30
CA LYS A 610 4.77 -8.83 22.45
C LYS A 610 3.53 -9.10 23.30
N LEU A 611 2.74 -8.07 23.62
CA LEU A 611 1.49 -8.26 24.38
C LEU A 611 0.58 -9.27 23.68
N ILE A 612 0.50 -9.17 22.34
CA ILE A 612 -0.44 -9.97 21.59
C ILE A 612 -0.05 -11.44 21.74
N THR A 613 1.22 -11.76 21.60
CA THR A 613 1.62 -13.15 21.78
C THR A 613 1.46 -13.60 23.23
N ALA A 614 1.68 -12.68 24.17
CA ALA A 614 1.58 -12.99 25.60
C ALA A 614 0.13 -13.35 26.00
N ILE A 615 -0.83 -12.63 25.46
CA ILE A 615 -2.25 -12.97 25.61
C ILE A 615 -2.53 -14.37 25.03
N GLY A 616 -1.88 -14.70 23.90
CA GLY A 616 -1.97 -16.03 23.29
C GLY A 616 -1.43 -17.16 24.19
N ASP A 617 -0.29 -16.93 24.83
CA ASP A 617 0.28 -17.87 25.78
C ASP A 617 -0.67 -18.20 26.94
N VAL A 618 -1.50 -17.24 27.35
CA VAL A 618 -2.45 -17.53 28.43
C VAL A 618 -3.74 -18.14 27.87
N VAL A 619 -4.35 -17.49 26.89
CA VAL A 619 -5.69 -17.85 26.43
C VAL A 619 -5.69 -19.22 25.71
N ASN A 620 -4.65 -19.48 24.91
CA ASN A 620 -4.66 -20.69 24.12
C ASN A 620 -4.34 -21.91 24.98
N HIS A 621 -3.88 -21.70 26.21
CA HIS A 621 -3.58 -22.83 27.07
C HIS A 621 -4.46 -22.96 28.32
N ASP A 622 -5.59 -22.23 28.39
CA ASP A 622 -6.57 -22.41 29.50
C ASP A 622 -7.51 -23.56 29.09
N PRO A 623 -7.51 -24.63 29.90
CA PRO A 623 -8.39 -25.79 29.67
C PRO A 623 -9.85 -25.39 29.75
N VAL A 624 -10.16 -24.43 30.62
CA VAL A 624 -11.50 -23.92 30.79
C VAL A 624 -12.05 -23.25 29.52
N VAL A 625 -11.17 -22.69 28.70
CA VAL A 625 -11.57 -21.81 27.60
C VAL A 625 -11.96 -22.67 26.45
N GLY A 626 -11.22 -23.76 26.29
CA GLY A 626 -11.60 -24.84 25.35
C GLY A 626 -11.24 -24.39 23.97
N ASP A 627 -12.07 -24.66 22.98
CA ASP A 627 -11.80 -24.00 21.72
C ASP A 627 -12.74 -22.82 21.49
N ARG A 628 -13.09 -22.13 22.57
CA ARG A 628 -14.06 -21.04 22.44
C ARG A 628 -13.38 -19.71 22.14
N LEU A 629 -12.14 -19.56 22.60
CA LEU A 629 -11.35 -18.37 22.25
C LEU A 629 -9.95 -18.72 21.88
N ARG A 630 -9.50 -18.19 20.77
CA ARG A 630 -8.13 -18.41 20.35
C ARG A 630 -7.51 -17.13 19.85
N VAL A 631 -6.28 -16.87 20.28
CA VAL A 631 -5.54 -15.70 19.83
C VAL A 631 -4.28 -16.07 19.07
N ILE A 632 -4.27 -15.73 17.80
CA ILE A 632 -3.14 -16.05 16.94
C ILE A 632 -2.51 -14.75 16.43
N PHE A 633 -1.19 -14.62 16.58
CA PHE A 633 -0.48 -13.56 15.88
C PHE A 633 0.04 -14.10 14.58
N LEU A 634 -0.46 -13.58 13.47
CA LEU A 634 -0.08 -14.02 12.13
C LEU A 634 1.27 -13.40 11.67
N GLU A 635 2.32 -14.21 11.73
CA GLU A 635 3.69 -13.86 11.38
C GLU A 635 3.86 -13.46 9.92
N ASN A 636 4.75 -12.52 9.66
CA ASN A 636 5.12 -12.08 8.33
C ASN A 636 4.01 -11.64 7.38
N TYR A 637 3.04 -10.93 7.90
CA TYR A 637 2.07 -10.34 7.06
C TYR A 637 2.71 -9.54 5.95
N ARG A 638 2.15 -9.71 4.75
CA ARG A 638 2.70 -9.28 3.45
C ARG A 638 1.65 -9.56 2.41
N VAL A 639 1.85 -9.13 1.16
CA VAL A 639 0.79 -9.24 0.16
C VAL A 639 0.30 -10.69 -0.02
N SER A 640 1.19 -11.67 -0.07
CA SER A 640 0.71 -12.99 -0.39
C SER A 640 0.03 -13.69 0.78
N LEU A 641 0.30 -13.24 2.00
CA LEU A 641 -0.41 -13.71 3.17
C LEU A 641 -1.80 -13.05 3.23
N ALA A 642 -1.89 -11.79 2.82
CA ALA A 642 -3.18 -11.16 2.74
C ALA A 642 -4.09 -11.89 1.75
N GLU A 643 -3.53 -12.41 0.64
CA GLU A 643 -4.36 -13.10 -0.34
C GLU A 643 -4.99 -14.36 0.22
N LYS A 644 -4.38 -14.94 1.27
CA LYS A 644 -4.93 -16.11 1.92
C LYS A 644 -5.85 -15.78 3.08
N VAL A 645 -5.44 -14.86 3.96
CA VAL A 645 -6.25 -14.63 5.13
C VAL A 645 -7.52 -13.80 4.85
N ILE A 646 -7.44 -12.80 3.98
CA ILE A 646 -8.62 -11.98 3.67
C ILE A 646 -9.85 -12.78 3.22
N PRO A 647 -9.74 -13.60 2.16
CA PRO A 647 -10.91 -14.43 1.80
C PRO A 647 -11.43 -15.31 2.95
N ALA A 648 -10.60 -15.73 3.87
CA ALA A 648 -11.09 -16.58 4.94
C ALA A 648 -11.70 -15.84 6.12
N ALA A 649 -11.79 -14.51 6.09
CA ALA A 649 -12.25 -13.78 7.28
C ALA A 649 -13.77 -13.57 7.40
N ASP A 650 -14.28 -13.59 8.63
CA ASP A 650 -15.67 -13.18 8.89
C ASP A 650 -15.81 -11.74 9.38
N LEU A 651 -15.01 -11.35 10.38
CA LEU A 651 -15.03 -9.99 10.93
C LEU A 651 -13.78 -9.19 10.52
N SER A 652 -13.97 -8.03 9.91
CA SER A 652 -12.86 -7.15 9.56
C SER A 652 -12.79 -6.00 10.58
N GLU A 653 -11.63 -5.85 11.20
CA GLU A 653 -11.41 -4.87 12.25
C GLU A 653 -10.72 -3.60 11.67
N GLN A 654 -11.43 -2.48 11.75
CA GLN A 654 -10.91 -1.22 11.20
C GLN A 654 -11.22 -0.14 12.20
N ILE A 655 -10.42 -0.08 13.25
CA ILE A 655 -10.84 0.52 14.50
C ILE A 655 -9.90 1.66 14.92
N SER A 656 -9.33 2.32 13.92
CA SER A 656 -8.53 3.52 14.10
C SER A 656 -9.37 4.60 14.77
N THR A 657 -8.72 5.51 15.46
CA THR A 657 -9.41 6.60 16.12
C THR A 657 -9.91 7.50 14.99
N ALA A 658 -11.15 7.95 15.08
CA ALA A 658 -11.68 8.89 14.09
C ALA A 658 -10.67 9.98 13.80
N GLY A 659 -10.41 10.18 12.50
CA GLY A 659 -9.64 11.32 12.03
C GLY A 659 -8.17 11.03 11.76
N THR A 660 -7.74 9.81 12.07
CA THR A 660 -6.33 9.41 11.88
C THR A 660 -6.01 8.53 10.66
N GLU A 661 -6.94 7.65 10.23
CA GLU A 661 -6.65 6.74 9.09
C GLU A 661 -7.10 7.41 7.80
N ALA A 662 -6.18 7.83 6.93
CA ALA A 662 -6.57 8.73 5.83
C ALA A 662 -7.69 8.09 4.99
N SER A 663 -7.43 6.85 4.57
CA SER A 663 -8.43 6.11 3.89
C SER A 663 -8.56 4.70 4.43
N GLY A 664 -7.46 3.93 4.37
CA GLY A 664 -7.52 2.47 4.57
C GLY A 664 -7.82 1.80 3.22
N THR A 665 -7.26 0.62 2.97
CA THR A 665 -7.64 -0.13 1.77
C THR A 665 -7.86 -1.60 2.11
N GLY A 666 -7.21 -2.06 3.19
CA GLY A 666 -7.48 -3.36 3.78
C GLY A 666 -8.99 -3.49 3.96
N ASN A 667 -9.60 -2.44 4.47
CA ASN A 667 -11.04 -2.44 4.74
C ASN A 667 -11.88 -2.84 3.50
N MET A 668 -11.46 -2.32 2.35
CA MET A 668 -12.08 -2.58 1.07
C MET A 668 -11.85 -4.04 0.63
N1 LLP A 669 -0.33 -4.30 3.86
C2 LLP A 669 -0.71 -5.27 2.94
C2' LLP A 669 0.15 -6.48 2.73
C3 LLP A 669 -1.89 -5.11 2.23
O3 LLP A 669 -2.22 -5.96 1.41
C4 LLP A 669 -2.68 -3.98 2.48
C4' LLP A 669 -3.98 -3.77 1.75
C5 LLP A 669 -2.24 -3.04 3.43
C6 LLP A 669 -1.07 -3.18 4.13
C5' LLP A 669 -3.08 -1.82 3.73
OP4 LLP A 669 -3.89 -2.15 4.83
P LLP A 669 -4.64 -1.09 5.72
OP1 LLP A 669 -5.40 -1.96 6.64
OP2 LLP A 669 -3.53 -0.41 6.37
OP3 LLP A 669 -5.49 -0.25 4.84
N LLP A 669 -10.63 -4.53 0.76
CA LLP A 669 -10.38 -5.95 0.46
CB LLP A 669 -8.93 -6.35 0.72
CG LLP A 669 -7.93 -5.41 0.05
CD LLP A 669 -6.57 -5.54 0.71
CE LLP A 669 -5.62 -4.46 0.23
NZ LLP A 669 -4.28 -4.69 0.83
C LLP A 669 -11.32 -6.88 1.23
O LLP A 669 -11.93 -7.79 0.66
N PHE A 670 -11.48 -6.63 2.51
CA PHE A 670 -12.38 -7.46 3.27
C PHE A 670 -13.84 -7.34 2.83
N MET A 671 -14.28 -6.14 2.45
CA MET A 671 -15.69 -5.97 2.08
C MET A 671 -15.96 -6.84 0.83
N LEU A 672 -15.04 -6.76 -0.14
CA LEU A 672 -15.14 -7.46 -1.41
C LEU A 672 -15.20 -9.00 -1.23
N ASN A 673 -14.68 -9.48 -0.09
CA ASN A 673 -14.44 -10.89 0.11
C ASN A 673 -15.34 -11.59 1.12
N GLY A 674 -16.39 -10.89 1.51
CA GLY A 674 -17.42 -11.47 2.37
C GLY A 674 -17.16 -11.48 3.88
N ALA A 675 -16.44 -10.47 4.38
CA ALA A 675 -16.38 -10.25 5.81
C ALA A 675 -17.29 -9.10 6.07
N LEU A 676 -17.90 -9.09 7.26
CA LEU A 676 -18.52 -7.88 7.79
C LEU A 676 -17.46 -7.02 8.50
N THR A 677 -17.74 -5.72 8.58
CA THR A 677 -16.83 -4.73 9.16
C THR A 677 -17.28 -4.23 10.53
N ILE A 678 -16.46 -4.43 11.56
CA ILE A 678 -16.60 -3.59 12.76
C ILE A 678 -15.61 -2.44 12.63
N GLY A 679 -16.09 -1.19 12.71
CA GLY A 679 -15.16 -0.04 12.62
C GLY A 679 -15.68 1.31 13.10
N THR A 680 -14.76 2.26 13.22
CA THR A 680 -15.11 3.65 13.50
C THR A 680 -15.42 4.42 12.21
N MET A 681 -16.05 5.59 12.33
CA MET A 681 -16.36 6.41 11.18
C MET A 681 -15.08 7.13 10.82
N ASP A 682 -14.12 6.37 10.29
CA ASP A 682 -12.85 6.92 9.95
C ASP A 682 -12.54 6.56 8.52
N GLY A 683 -11.87 7.47 7.81
CA GLY A 683 -11.37 7.14 6.48
C GLY A 683 -12.42 6.66 5.53
N ALA A 684 -12.07 5.67 4.73
CA ALA A 684 -13.06 5.21 3.75
C ALA A 684 -14.18 4.39 4.41
N ASN A 685 -14.02 3.99 5.69
CA ASN A 685 -15.12 3.35 6.41
C ASN A 685 -16.40 4.14 6.20
N VAL A 686 -16.29 5.46 6.17
CA VAL A 686 -17.45 6.31 6.13
C VAL A 686 -18.23 6.08 4.85
N GLU A 687 -17.50 5.89 3.76
CA GLU A 687 -18.12 5.77 2.45
C GLU A 687 -18.59 4.36 2.22
N MET A 688 -17.94 3.38 2.84
CA MET A 688 -18.31 1.96 2.73
C MET A 688 -19.70 1.76 3.37
N ALA A 689 -19.86 2.27 4.58
CA ALA A 689 -21.15 2.25 5.27
C ALA A 689 -22.19 3.08 4.55
N GLU A 690 -21.78 4.18 3.96
CA GLU A 690 -22.71 4.96 3.22
C GLU A 690 -23.19 4.14 2.02
N GLU A 691 -22.30 3.36 1.40
CA GLU A 691 -22.69 2.55 0.23
C GLU A 691 -23.50 1.32 0.61
N ALA A 692 -23.21 0.68 1.73
CA ALA A 692 -23.93 -0.54 2.05
C ALA A 692 -25.17 -0.30 2.91
N GLY A 693 -25.24 0.85 3.57
CA GLY A 693 -26.25 1.14 4.59
C GLY A 693 -25.64 0.89 5.95
N GLU A 694 -25.79 1.87 6.83
CA GLU A 694 -25.27 1.79 8.20
C GLU A 694 -25.80 0.58 8.94
N GLU A 695 -27.02 0.17 8.64
CA GLU A 695 -27.55 -1.10 9.13
C GLU A 695 -26.70 -2.33 8.79
N ASN A 696 -25.96 -2.32 7.66
CA ASN A 696 -25.16 -3.50 7.27
C ASN A 696 -23.70 -3.36 7.67
N PHE A 697 -23.50 -2.47 8.62
CA PHE A 697 -22.21 -2.17 9.15
C PHE A 697 -22.17 -2.14 10.69
N PHE A 698 -21.06 -2.51 11.30
CA PHE A 698 -20.94 -2.37 12.75
C PHE A 698 -20.08 -1.17 13.14
N ILE A 699 -20.71 -0.01 13.19
CA ILE A 699 -20.09 1.26 13.51
C ILE A 699 -20.20 1.51 14.99
N PHE A 700 -19.11 1.90 15.62
CA PHE A 700 -19.13 2.27 17.02
C PHE A 700 -18.21 3.50 17.24
N GLY A 701 -18.36 4.15 18.41
CA GLY A 701 -17.34 5.06 18.92
C GLY A 701 -17.45 6.49 18.43
N MET A 702 -16.52 7.29 18.93
CA MET A 702 -16.44 8.72 18.63
C MET A 702 -16.40 8.99 17.11
N ARG A 703 -17.05 10.07 16.74
CA ARG A 703 -16.90 10.61 15.40
C ARG A 703 -15.79 11.64 15.53
N VAL A 704 -15.22 12.05 14.39
CA VAL A 704 -14.23 13.15 14.37
C VAL A 704 -14.56 14.28 15.37
N GLU A 705 -15.82 14.72 15.38
CA GLU A 705 -16.28 15.84 16.23
C GLU A 705 -16.14 15.62 17.75
N ASP A 706 -16.47 14.39 18.16
CA ASP A 706 -16.34 13.90 19.52
C ASP A 706 -14.91 13.92 19.97
N VAL A 707 -13.99 13.63 19.06
CA VAL A 707 -12.57 13.68 19.39
C VAL A 707 -12.11 15.10 19.66
N ASP A 708 -12.46 16.03 18.78
CA ASP A 708 -12.23 17.45 19.05
C ASP A 708 -12.85 17.96 20.35
N ARG A 709 -14.05 17.50 20.73
CA ARG A 709 -14.70 17.93 21.98
C ARG A 709 -13.89 17.44 23.14
N LEU A 710 -13.45 16.18 23.08
CA LEU A 710 -12.60 15.59 24.15
C LEU A 710 -11.24 16.30 24.31
N ASP A 711 -10.66 16.72 23.19
CA ASP A 711 -9.36 17.35 23.21
C ASP A 711 -9.49 18.68 23.90
N GLN A 712 -10.49 19.44 23.51
CA GLN A 712 -10.50 20.80 23.92
C GLN A 712 -10.89 20.96 25.39
N ARG A 713 -11.20 19.85 26.05
CA ARG A 713 -11.42 19.90 27.46
C ARG A 713 -10.39 19.06 28.18
N GLY A 714 -9.71 18.22 27.40
CA GLY A 714 -8.67 17.36 27.93
C GLY A 714 -9.07 15.89 28.09
N TYR A 715 -8.25 15.03 27.49
CA TYR A 715 -8.46 13.60 27.66
C TYR A 715 -7.82 13.10 28.95
N ASN A 716 -8.66 12.74 29.90
CA ASN A 716 -8.25 12.11 31.12
C ASN A 716 -8.67 10.66 31.16
N ALA A 717 -7.68 9.78 31.01
CA ALA A 717 -7.90 8.36 30.92
C ALA A 717 -8.36 7.75 32.25
N GLN A 718 -7.94 8.36 33.35
CA GLN A 718 -8.28 7.92 34.72
C GLN A 718 -9.80 7.78 34.90
N GLU A 719 -10.54 8.76 34.39
CA GLU A 719 -11.99 8.74 34.39
C GLU A 719 -12.61 7.40 33.92
N TYR A 720 -12.04 6.78 32.87
CA TYR A 720 -12.57 5.54 32.31
C TYR A 720 -12.17 4.39 33.18
N TYR A 721 -10.96 4.47 33.70
CA TYR A 721 -10.49 3.47 34.63
C TYR A 721 -11.33 3.49 35.91
N ASP A 722 -11.85 4.66 36.27
CA ASP A 722 -12.59 4.73 37.50
C ASP A 722 -14.02 4.22 37.33
N ARG A 723 -14.63 4.39 36.14
CA ARG A 723 -16.02 4.02 36.00
C ARG A 723 -16.23 2.69 35.34
N ILE A 724 -15.19 2.04 34.84
CA ILE A 724 -15.44 0.75 34.19
C ILE A 724 -14.69 -0.37 34.83
N PRO A 725 -15.39 -1.13 35.71
CA PRO A 725 -14.65 -2.16 36.46
C PRO A 725 -14.06 -3.24 35.55
N GLU A 726 -14.70 -3.58 34.43
CA GLU A 726 -14.13 -4.55 33.49
C GLU A 726 -12.79 -4.06 32.97
N LEU A 727 -12.73 -2.81 32.50
CA LEU A 727 -11.48 -2.15 32.18
C LEU A 727 -10.44 -2.12 33.33
N ARG A 728 -10.88 -1.82 34.53
CA ARG A 728 -9.95 -1.67 35.68
C ARG A 728 -9.19 -2.97 35.88
N GLN A 729 -9.97 -4.05 35.97
CA GLN A 729 -9.43 -5.38 35.98
C GLN A 729 -8.34 -5.68 34.95
N ILE A 730 -8.52 -5.25 33.71
CA ILE A 730 -7.55 -5.59 32.66
C ILE A 730 -6.21 -4.90 32.94
N ILE A 731 -6.30 -3.61 33.26
CA ILE A 731 -5.13 -2.80 33.57
C ILE A 731 -4.43 -3.43 34.75
N GLU A 732 -5.19 -3.89 35.72
CA GLU A 732 -4.59 -4.56 36.82
C GLU A 732 -3.86 -5.84 36.41
N GLN A 733 -4.43 -6.62 35.50
CA GLN A 733 -3.77 -7.85 35.14
C GLN A 733 -2.47 -7.50 34.45
N LEU A 734 -2.54 -6.48 33.60
CA LEU A 734 -1.39 -5.94 32.88
C LEU A 734 -0.29 -5.51 33.81
N SER A 735 -0.63 -4.69 34.79
CA SER A 735 0.33 -4.18 35.79
C SER A 735 0.94 -5.25 36.69
N SER A 736 0.14 -6.25 37.03
CA SER A 736 0.54 -7.14 38.12
C SER A 736 1.33 -8.34 37.65
N GLY A 737 1.40 -8.56 36.33
CA GLY A 737 2.21 -9.66 35.83
C GLY A 737 1.40 -10.85 35.36
N PHE A 738 0.08 -10.74 35.41
CA PHE A 738 -0.80 -11.78 34.90
C PHE A 738 -0.40 -12.36 33.55
N PHE A 739 0.02 -11.47 32.63
CA PHE A 739 0.37 -11.87 31.28
C PHE A 739 1.87 -12.00 31.05
N SER A 740 2.65 -11.88 32.12
CA SER A 740 4.11 -11.95 32.07
C SER A 740 4.68 -12.44 33.42
N PRO A 741 4.38 -13.71 33.79
CA PRO A 741 4.62 -14.13 35.19
C PRO A 741 6.11 -14.06 35.58
N LYS A 742 7.00 -14.20 34.59
CA LYS A 742 8.45 -14.14 34.78
C LYS A 742 9.05 -12.73 34.88
N GLN A 743 8.68 -11.79 33.99
CA GLN A 743 8.94 -10.35 34.25
C GLN A 743 7.62 -9.71 34.64
N PRO A 744 7.35 -9.53 35.94
CA PRO A 744 6.05 -8.92 36.25
C PRO A 744 5.86 -7.48 35.71
N ASP A 745 6.95 -6.76 35.53
CA ASP A 745 6.83 -5.36 35.14
C ASP A 745 7.01 -5.15 33.61
N LEU A 746 6.94 -6.23 32.83
CA LEU A 746 7.16 -6.15 31.40
C LEU A 746 6.33 -5.09 30.62
N PHE A 747 5.05 -4.95 30.98
CA PHE A 747 4.15 -4.14 30.19
C PHE A 747 3.92 -2.76 30.86
N LYS A 748 4.89 -2.32 31.66
CA LYS A 748 4.66 -1.09 32.43
C LYS A 748 4.60 0.11 31.49
N ASP A 749 5.27 0.01 30.33
CA ASP A 749 5.32 1.14 29.39
C ASP A 749 3.91 1.36 28.81
N ILE A 750 3.24 0.27 28.41
CA ILE A 750 1.93 0.27 27.80
C ILE A 750 0.87 0.75 28.77
N VAL A 751 0.88 0.22 29.98
CA VAL A 751 -0.08 0.66 30.97
C VAL A 751 0.17 2.10 31.23
N ASN A 752 1.44 2.47 31.23
CA ASN A 752 1.80 3.85 31.50
C ASN A 752 1.33 4.78 30.40
N MET A 753 1.51 4.38 29.15
CA MET A 753 1.08 5.18 28.04
C MET A 753 -0.43 5.32 28.04
N LEU A 754 -1.12 4.18 28.21
CA LEU A 754 -2.58 4.12 28.18
C LEU A 754 -3.19 5.05 29.21
N MET A 755 -2.57 5.10 30.40
CA MET A 755 -3.05 5.92 31.53
C MET A 755 -2.69 7.40 31.45
N HIS A 756 -1.47 7.73 31.01
CA HIS A 756 -0.97 9.12 31.09
C HIS A 756 -0.76 9.86 29.78
N HIS A 757 -0.49 9.17 28.69
CA HIS A 757 -0.28 9.89 27.43
C HIS A 757 -0.65 9.11 26.18
N ASP A 758 -1.89 8.65 26.15
CA ASP A 758 -2.48 8.06 25.00
C ASP A 758 -2.99 9.15 24.02
N ARG A 759 -2.27 9.37 22.93
CA ARG A 759 -2.73 10.31 21.94
C ARG A 759 -3.92 9.77 21.19
N PHE A 760 -4.22 8.48 21.33
CA PHE A 760 -5.29 7.90 20.51
C PHE A 760 -6.52 7.40 21.25
N LYS A 761 -6.62 7.76 22.54
CA LYS A 761 -7.91 7.67 23.24
C LYS A 761 -8.53 6.26 23.19
N VAL A 762 -7.70 5.26 23.41
CA VAL A 762 -8.11 3.88 23.46
C VAL A 762 -9.21 3.66 24.46
N PHE A 763 -9.06 4.11 25.70
CA PHE A 763 -10.11 3.95 26.68
C PHE A 763 -11.44 4.59 26.30
N ALA A 764 -11.44 5.74 25.62
CA ALA A 764 -12.72 6.45 25.33
C ALA A 764 -13.64 5.64 24.40
N ASP A 765 -13.06 4.71 23.67
CA ASP A 765 -13.88 3.98 22.72
C ASP A 765 -14.20 2.56 23.23
N TYR A 766 -13.65 2.19 24.37
CA TYR A 766 -13.72 0.82 24.88
C TYR A 766 -15.13 0.32 25.14
N GLU A 767 -15.89 1.02 26.00
CA GLU A 767 -17.28 0.66 26.18
C GLU A 767 -18.06 0.46 24.86
N GLU A 768 -18.13 1.46 24.00
CA GLU A 768 -18.92 1.31 22.77
C GLU A 768 -18.48 0.14 21.86
N TYR A 769 -17.18 -0.12 21.81
CA TYR A 769 -16.58 -1.23 21.07
C TYR A 769 -16.96 -2.62 21.58
N VAL A 770 -16.79 -2.86 22.87
CA VAL A 770 -17.24 -4.12 23.45
C VAL A 770 -18.75 -4.43 23.21
N LYS A 771 -19.63 -3.45 23.40
CA LYS A 771 -21.04 -3.58 23.09
C LYS A 771 -21.32 -3.94 21.63
N CYS A 772 -20.71 -3.16 20.72
CA CYS A 772 -20.78 -3.45 19.29
C CYS A 772 -20.29 -4.88 18.99
N GLN A 773 -19.25 -5.34 19.68
CA GLN A 773 -18.76 -6.71 19.54
C GLN A 773 -19.81 -7.74 19.93
N GLU A 774 -20.56 -7.49 21.00
CA GLU A 774 -21.70 -8.36 21.36
C GLU A 774 -22.78 -8.41 20.26
N ARG A 775 -23.03 -7.29 19.59
CA ARG A 775 -23.97 -7.31 18.50
C ARG A 775 -23.47 -8.16 17.33
N VAL A 776 -22.16 -8.26 17.17
CA VAL A 776 -21.59 -9.00 16.08
C VAL A 776 -21.82 -10.47 16.38
N SER A 777 -21.48 -10.88 17.60
CA SER A 777 -21.66 -12.26 18.04
C SER A 777 -23.12 -12.70 17.90
N ALA A 778 -24.05 -11.76 18.13
CA ALA A 778 -25.47 -12.02 18.09
C ALA A 778 -25.89 -12.34 16.67
N LEU A 779 -25.50 -11.53 15.68
CA LEU A 779 -25.78 -11.82 14.28
C LEU A 779 -25.13 -13.12 13.84
N TYR A 780 -24.02 -13.51 14.46
CA TYR A 780 -23.31 -14.67 13.96
C TYR A 780 -24.07 -15.96 14.34
N LYS A 781 -24.82 -15.92 15.45
CA LYS A 781 -25.71 -17.01 15.88
C LYS A 781 -26.82 -17.30 14.85
N ASN A 782 -27.06 -16.38 13.91
CA ASN A 782 -28.05 -16.56 12.86
C ASN A 782 -27.45 -16.53 11.43
N PRO A 783 -26.80 -17.64 11.07
CA PRO A 783 -26.06 -17.90 9.82
C PRO A 783 -26.63 -17.26 8.58
N ARG A 784 -27.95 -17.37 8.43
CA ARG A 784 -28.66 -16.95 7.25
C ARG A 784 -28.68 -15.43 7.19
N GLU A 785 -28.87 -14.81 8.36
CA GLU A 785 -28.98 -13.37 8.43
C GLU A 785 -27.59 -12.72 8.39
N TRP A 786 -26.61 -13.39 8.98
CA TRP A 786 -25.24 -13.02 8.75
C TRP A 786 -24.92 -12.97 7.23
N THR A 787 -25.27 -14.02 6.50
CA THR A 787 -24.93 -14.10 5.07
C THR A 787 -25.71 -13.11 4.26
N ARG A 788 -26.96 -12.86 4.64
CA ARG A 788 -27.69 -11.88 3.84
C ARG A 788 -27.04 -10.52 3.98
N MET A 789 -26.48 -10.23 5.15
CA MET A 789 -25.80 -8.96 5.35
C MET A 789 -24.48 -8.91 4.53
N VAL A 790 -23.80 -10.06 4.50
CA VAL A 790 -22.61 -10.22 3.69
C VAL A 790 -22.94 -9.89 2.26
N ILE A 791 -24.06 -10.42 1.78
CA ILE A 791 -24.40 -10.20 0.39
C ILE A 791 -24.63 -8.72 0.14
N ARG A 792 -25.22 -8.01 1.09
CA ARG A 792 -25.49 -6.58 0.85
C ARG A 792 -24.16 -5.82 0.83
N ASN A 793 -23.18 -6.31 1.60
CA ASN A 793 -21.88 -5.67 1.62
C ASN A 793 -21.16 -5.89 0.28
N ILE A 794 -21.03 -7.17 -0.11
CA ILE A 794 -20.32 -7.57 -1.32
C ILE A 794 -20.93 -6.88 -2.49
N ALA A 795 -22.24 -6.65 -2.42
CA ALA A 795 -22.95 -6.10 -3.54
C ALA A 795 -22.77 -4.60 -3.74
N THR A 796 -22.44 -3.89 -2.67
CA THR A 796 -22.24 -2.44 -2.75
C THR A 796 -20.75 -2.10 -2.68
N SER A 797 -19.89 -3.05 -3.03
CA SER A 797 -18.44 -2.79 -2.94
C SER A 797 -17.89 -2.16 -4.24
N GLY A 798 -18.75 -2.01 -5.24
CA GLY A 798 -18.29 -1.51 -6.51
C GLY A 798 -17.52 -0.20 -6.52
N LYS A 799 -17.90 0.74 -5.67
CA LYS A 799 -17.26 2.05 -5.67
C LYS A 799 -15.74 1.94 -5.36
N PHE A 800 -15.35 0.83 -4.76
CA PHE A 800 -14.02 0.73 -4.19
C PHE A 800 -13.05 0.00 -5.08
N SER A 801 -13.38 -0.02 -6.36
CA SER A 801 -12.49 -0.54 -7.38
C SER A 801 -11.48 0.55 -7.71
N SER A 802 -10.20 0.18 -7.83
CA SER A 802 -9.28 1.18 -8.34
C SER A 802 -9.57 1.62 -9.78
N ASP A 803 -10.45 0.92 -10.50
CA ASP A 803 -10.84 1.42 -11.81
C ASP A 803 -11.59 2.72 -11.69
N ARG A 804 -12.54 2.78 -10.75
CA ARG A 804 -13.21 4.06 -10.46
C ARG A 804 -12.18 5.18 -10.11
N THR A 805 -11.36 4.92 -9.11
CA THR A 805 -10.35 5.85 -8.69
C THR A 805 -9.50 6.36 -9.86
N ILE A 806 -8.91 5.44 -10.63
CA ILE A 806 -8.03 5.89 -11.69
C ILE A 806 -8.75 6.70 -12.75
N ALA A 807 -9.95 6.27 -13.14
CA ALA A 807 -10.85 7.06 -14.04
C ALA A 807 -11.11 8.47 -13.55
N GLN A 808 -11.24 8.62 -12.22
CA GLN A 808 -11.36 9.97 -11.64
C GLN A 808 -10.08 10.78 -11.72
N TYR A 809 -8.95 10.15 -11.38
CA TYR A 809 -7.65 10.84 -11.56
C TYR A 809 -7.53 11.31 -13.04
N ALA A 810 -7.75 10.36 -13.95
CA ALA A 810 -7.60 10.61 -15.37
C ALA A 810 -8.40 11.82 -15.92
N ARG A 811 -9.67 11.95 -15.53
CA ARG A 811 -10.54 13.02 -16.00
C ARG A 811 -10.36 14.30 -15.22
N GLU A 812 -10.15 14.20 -13.91
CA GLU A 812 -10.21 15.39 -13.08
C GLU A 812 -8.85 15.98 -12.75
N ILE A 813 -7.78 15.20 -12.94
CA ILE A 813 -6.44 15.68 -12.72
C ILE A 813 -5.54 15.61 -13.96
N TRP A 814 -5.54 14.49 -14.69
CA TRP A 814 -4.52 14.30 -15.72
C TRP A 814 -4.98 14.78 -17.07
N GLY A 815 -6.31 14.81 -17.27
CA GLY A 815 -6.91 15.32 -18.49
C GLY A 815 -6.78 14.37 -19.67
N VAL A 816 -7.02 13.10 -19.44
CA VAL A 816 -6.97 12.04 -20.45
C VAL A 816 -8.24 11.22 -20.24
N GLU A 817 -8.60 10.44 -21.23
CA GLU A 817 -9.88 9.79 -21.21
C GLU A 817 -9.53 8.29 -21.09
N PRO A 818 -10.12 7.59 -20.12
CA PRO A 818 -9.93 6.14 -20.10
C PRO A 818 -10.43 5.46 -21.38
N SER A 819 -9.81 4.34 -21.74
CA SER A 819 -10.31 3.50 -22.82
C SER A 819 -10.40 2.03 -22.41
N ARG A 820 -11.57 1.42 -22.53
CA ARG A 820 -11.69 0.00 -22.22
C ARG A 820 -11.40 -0.92 -23.45
N GLN A 821 -11.16 -0.32 -24.61
CA GLN A 821 -10.94 -1.05 -25.88
C GLN A 821 -9.65 -1.88 -25.99
N ARG A 822 -9.85 -3.18 -26.27
CA ARG A 822 -8.79 -4.11 -26.64
C ARG A 822 -7.82 -3.49 -27.65
N LEU A 823 -6.52 -3.69 -27.43
CA LEU A 823 -5.52 -3.58 -28.50
C LEU A 823 -5.43 -4.94 -29.19
N PRO A 824 -5.07 -4.94 -30.50
CA PRO A 824 -4.95 -6.22 -31.24
C PRO A 824 -3.81 -7.15 -30.80
N ALA A 825 -4.11 -8.46 -30.73
CA ALA A 825 -3.12 -9.55 -30.59
C ALA A 825 -2.66 -10.00 -32.00
N1 D1I B . -0.14 5.30 4.46
C2 D1I B . 0.79 4.31 4.36
O2 D1I B . 0.50 3.14 4.09
N3 D1I B . 2.09 4.55 4.71
C4 D1I B . 2.46 5.93 4.80
C5 D1I B . 1.50 6.88 5.09
O5 D1I B . 3.69 6.26 5.37
C6 D1I B . 0.22 6.64 4.77
C7 D1I B . 2.22 7.98 5.36
C8 D1I B . 3.52 7.61 5.53
C9 D1I B . 4.65 8.62 5.92
C1' D1I B . -1.50 4.94 4.05
C10 D1I B . 5.59 8.07 7.08
C11 D1I B . 7.07 7.91 6.64
C12 D1I B . 7.58 9.02 5.68
C13 D1I B . 9.12 9.02 5.62
C2' D1I B . -2.62 5.53 4.89
O2' D1I B . -2.30 5.45 6.29
C3' D1I B . -3.89 4.75 4.53
O3' D1I B . -5.02 5.31 5.12
C4' D1I B . -4.10 4.81 3.02
O4' D1I B . -5.22 3.99 2.68
C5' D1I B . -2.85 4.41 2.22
O5' D1I B . -1.72 5.20 2.62
C6' D1I B . -3.01 4.75 0.74
O6' D1I B . -3.59 6.02 0.55
#